data_4L97
#
_entry.id   4L97
#
_cell.length_a   165.550
_cell.length_b   165.550
_cell.length_c   165.550
_cell.angle_alpha   90.00
_cell.angle_beta   90.00
_cell.angle_gamma   90.00
#
_symmetry.space_group_name_H-M   'P 21 3'
#
loop_
_entity.id
_entity.type
_entity.pdbx_description
1 polymer 'Receptor Binding Protein'
2 non-polymer 1-O-phosphono-alpha-D-glucopyranose
3 water water
#
_entity_poly.entity_id   1
_entity_poly.type   'polypeptide(L)'
_entity_poly.pdbx_seq_one_letter_code
;GVLKGINFDRSIVTPENEASILDLAMQNRSGVLDGMTIDILNTTSNQLALFHGTAVLQGYGIEITRAANGAPDVLVDTTG
QSNETMLLCLTIDLNQVNVPSGTVGTNTYAVDYKQIRLEFLDVPTLLKQYWRDHSLHDLIDPRRVISMPLYWITFGQTGT
TPLYEQIKSNYIDGGNSGNPAYGIAARCENFNHFINKVAVQSIPINGVANRPVSSTASQLTNYKVWRNPYLCSQDPRDKF
APDNLVIEEDGIYRIDISGSINIANYTFPASGNSWRVGGRYFQIVCARNSSANNLAEFGAEQHLPPSGVWTRRVLVGEYT
AGMTEQAFSSVATISLFKGDNFFLQFETGTNTSRDSAYNNGYGTSGTHLRNFSYTLERVGDLNGTAYYDNGTF
;
_entity_poly.pdbx_strand_id   A,B
#
loop_
_chem_comp.id
_chem_comp.type
_chem_comp.name
_chem_comp.formula
G1P D-saccharide 1-O-phosphono-alpha-D-glucopyranose 'C6 H13 O9 P'
#
# COMPACT_ATOMS: atom_id res chain seq x y z
N VAL A 2 -44.62 -14.12 40.65
CA VAL A 2 -44.25 -15.53 40.78
C VAL A 2 -42.92 -15.91 40.12
N LEU A 3 -42.45 -17.12 40.47
CA LEU A 3 -41.25 -17.72 39.95
C LEU A 3 -41.64 -18.46 38.68
N LYS A 4 -41.08 -18.04 37.55
CA LYS A 4 -41.29 -18.59 36.23
C LYS A 4 -40.05 -19.42 35.79
N GLY A 5 -40.30 -20.61 35.25
CA GLY A 5 -39.28 -21.49 34.69
C GLY A 5 -39.24 -21.26 33.19
N ILE A 6 -38.04 -21.22 32.60
CA ILE A 6 -37.85 -20.96 31.17
C ILE A 6 -37.56 -22.26 30.40
N ASN A 7 -36.77 -23.13 31.01
CA ASN A 7 -36.22 -24.34 30.42
C ASN A 7 -36.87 -25.62 30.98
N PHE A 8 -37.91 -25.50 31.81
CA PHE A 8 -38.56 -26.61 32.55
C PHE A 8 -39.51 -27.48 31.72
N ASP A 9 -39.78 -28.73 32.21
CA ASP A 9 -40.66 -29.74 31.57
C ASP A 9 -41.95 -29.22 30.91
N ARG A 10 -42.70 -28.35 31.63
CA ARG A 10 -43.95 -27.75 31.12
C ARG A 10 -43.77 -26.40 30.43
N SER A 11 -42.53 -25.93 30.26
CA SER A 11 -42.29 -24.62 29.66
C SER A 11 -42.37 -24.72 28.14
N ILE A 12 -42.75 -23.61 27.48
CA ILE A 12 -42.72 -23.51 26.03
C ILE A 12 -41.50 -22.67 25.68
N VAL A 13 -40.51 -23.26 24.99
CA VAL A 13 -39.30 -22.50 24.63
C VAL A 13 -39.61 -21.62 23.41
N THR A 14 -39.50 -20.31 23.60
CA THR A 14 -39.87 -19.29 22.61
C THR A 14 -38.68 -18.83 21.71
N PRO A 15 -38.96 -18.01 20.66
CA PRO A 15 -37.85 -17.47 19.85
C PRO A 15 -36.92 -16.54 20.64
N GLU A 16 -37.50 -15.62 21.45
CA GLU A 16 -36.74 -14.67 22.29
C GLU A 16 -35.81 -15.43 23.22
N ASN A 17 -36.31 -16.56 23.77
CA ASN A 17 -35.55 -17.44 24.65
C ASN A 17 -34.30 -17.97 23.98
N GLU A 18 -34.44 -18.68 22.85
CA GLU A 18 -33.27 -19.23 22.16
C GLU A 18 -32.25 -18.23 21.57
N ALA A 19 -32.71 -16.99 21.35
CA ALA A 19 -31.91 -15.86 20.89
C ALA A 19 -31.09 -15.38 22.07
N SER A 20 -31.72 -15.28 23.25
CA SER A 20 -31.03 -14.91 24.47
C SER A 20 -29.93 -15.93 24.80
N ILE A 21 -30.16 -17.24 24.52
CA ILE A 21 -29.20 -18.33 24.75
C ILE A 21 -28.02 -18.23 23.80
N LEU A 22 -28.28 -18.01 22.49
CA LEU A 22 -27.27 -17.85 21.44
C LEU A 22 -26.44 -16.56 21.69
N ASP A 23 -27.08 -15.50 22.23
CA ASP A 23 -26.38 -14.27 22.53
C ASP A 23 -25.35 -14.48 23.64
N LEU A 24 -25.76 -15.25 24.65
CA LEU A 24 -24.92 -15.64 25.77
C LEU A 24 -23.73 -16.45 25.26
N ALA A 25 -24.00 -17.40 24.36
CA ALA A 25 -22.99 -18.25 23.75
C ALA A 25 -22.03 -17.44 22.88
N MET A 26 -22.49 -16.28 22.34
CA MET A 26 -21.74 -15.31 21.53
C MET A 26 -20.98 -14.28 22.40
N GLN A 27 -21.05 -14.41 23.74
CA GLN A 27 -20.42 -13.49 24.69
C GLN A 27 -21.01 -12.06 24.54
N ASN A 28 -22.30 -12.00 24.17
CA ASN A 28 -23.07 -10.77 23.95
C ASN A 28 -22.50 -9.90 22.84
N ARG A 29 -21.82 -10.52 21.86
CA ARG A 29 -21.24 -9.82 20.73
C ARG A 29 -22.11 -10.20 19.52
N SER A 30 -22.30 -9.25 18.58
CA SER A 30 -23.05 -9.43 17.36
C SER A 30 -22.06 -9.26 16.27
N GLY A 31 -22.31 -9.87 15.12
CA GLY A 31 -21.40 -9.75 14.00
C GLY A 31 -21.61 -10.82 12.95
N VAL A 32 -21.00 -10.61 11.78
CA VAL A 32 -21.01 -11.55 10.66
C VAL A 32 -20.06 -12.74 10.99
N LEU A 33 -20.62 -13.96 11.02
CA LEU A 33 -19.85 -15.17 11.29
C LEU A 33 -19.07 -15.66 10.06
N ASP A 34 -19.57 -15.40 8.85
CA ASP A 34 -18.96 -15.76 7.56
C ASP A 34 -19.66 -15.03 6.42
N GLY A 35 -18.94 -14.81 5.33
CA GLY A 35 -19.46 -14.17 4.11
C GLY A 35 -19.94 -12.76 4.31
N MET A 36 -21.04 -12.41 3.63
CA MET A 36 -21.70 -11.10 3.67
C MET A 36 -20.78 -9.93 3.29
N THR A 37 -19.79 -10.20 2.42
CA THR A 37 -18.89 -9.19 1.87
C THR A 37 -19.46 -8.71 0.55
N ILE A 38 -19.03 -7.51 0.13
CA ILE A 38 -19.50 -6.86 -1.09
C ILE A 38 -19.16 -7.65 -2.39
N ASP A 39 -20.10 -7.62 -3.36
CA ASP A 39 -20.01 -8.30 -4.66
C ASP A 39 -20.05 -7.20 -5.74
N ILE A 40 -18.86 -6.63 -6.02
CA ILE A 40 -18.70 -5.53 -6.98
C ILE A 40 -19.12 -5.90 -8.42
N LEU A 41 -18.90 -7.18 -8.80
CA LEU A 41 -19.28 -7.70 -10.12
C LEU A 41 -20.78 -7.54 -10.40
N ASN A 42 -21.64 -7.80 -9.37
CA ASN A 42 -23.09 -7.66 -9.47
C ASN A 42 -23.60 -6.32 -8.93
N THR A 43 -22.69 -5.35 -8.76
CA THR A 43 -23.02 -4.02 -8.26
C THR A 43 -23.13 -3.04 -9.44
N THR A 44 -24.26 -2.30 -9.52
CA THR A 44 -24.53 -1.30 -10.56
C THR A 44 -24.65 0.11 -9.93
N SER A 45 -25.33 1.03 -10.63
CA SER A 45 -25.59 2.41 -10.18
C SER A 45 -27.01 2.52 -9.58
N ASN A 46 -27.76 1.40 -9.60
CA ASN A 46 -29.12 1.27 -9.07
C ASN A 46 -29.20 0.17 -8.01
N GLN A 47 -28.18 -0.74 -7.98
CA GLN A 47 -28.14 -1.84 -7.04
C GLN A 47 -26.75 -2.14 -6.44
N LEU A 48 -26.74 -2.57 -5.17
CA LEU A 48 -25.55 -2.99 -4.42
C LEU A 48 -25.73 -4.47 -4.12
N ALA A 49 -24.72 -5.28 -4.44
CA ALA A 49 -24.75 -6.72 -4.21
C ALA A 49 -23.81 -7.16 -3.10
N LEU A 50 -24.22 -8.19 -2.36
CA LEU A 50 -23.49 -8.78 -1.25
C LEU A 50 -23.46 -10.29 -1.43
N PHE A 51 -22.38 -10.95 -1.00
CA PHE A 51 -22.27 -12.42 -1.08
C PHE A 51 -23.03 -13.06 0.07
N HIS A 52 -23.36 -14.36 -0.09
CA HIS A 52 -24.06 -15.20 0.89
C HIS A 52 -23.24 -15.26 2.19
N GLY A 53 -23.92 -15.47 3.30
CA GLY A 53 -23.25 -15.56 4.60
C GLY A 53 -24.19 -15.75 5.76
N THR A 54 -23.61 -15.74 6.97
CA THR A 54 -24.34 -15.90 8.23
C THR A 54 -23.90 -14.82 9.24
N ALA A 55 -24.87 -14.24 9.96
CA ALA A 55 -24.60 -13.25 11.02
C ALA A 55 -25.47 -13.55 12.21
N VAL A 56 -25.06 -13.07 13.39
CA VAL A 56 -25.81 -13.20 14.63
C VAL A 56 -25.94 -11.79 15.19
N LEU A 57 -27.17 -11.32 15.30
CA LEU A 57 -27.48 -9.99 15.81
C LEU A 57 -28.31 -10.14 17.06
N GLN A 58 -27.70 -9.91 18.23
CA GLN A 58 -28.31 -10.06 19.57
C GLN A 58 -29.01 -11.41 19.78
N GLY A 59 -28.37 -12.46 19.31
CA GLY A 59 -28.85 -13.83 19.43
C GLY A 59 -29.71 -14.32 18.30
N TYR A 60 -30.03 -13.43 17.35
CA TYR A 60 -30.85 -13.79 16.20
C TYR A 60 -29.97 -14.12 15.04
N GLY A 61 -30.10 -15.34 14.54
CA GLY A 61 -29.36 -15.83 13.39
C GLY A 61 -29.94 -15.32 12.09
N ILE A 62 -29.12 -14.64 11.28
CA ILE A 62 -29.51 -14.11 9.97
C ILE A 62 -28.65 -14.77 8.91
N GLU A 63 -29.26 -15.15 7.80
CA GLU A 63 -28.59 -15.81 6.70
C GLU A 63 -28.93 -15.17 5.35
N ILE A 64 -27.94 -15.01 4.50
CA ILE A 64 -28.14 -14.57 3.12
C ILE A 64 -27.88 -15.88 2.38
N THR A 65 -28.90 -16.40 1.71
CA THR A 65 -28.81 -17.67 1.00
C THR A 65 -28.14 -17.55 -0.37
N ARG A 66 -27.35 -18.57 -0.74
CA ARG A 66 -26.73 -18.67 -2.06
C ARG A 66 -27.72 -19.36 -3.01
N ALA A 67 -27.62 -19.06 -4.33
CA ALA A 67 -28.43 -19.66 -5.42
C ALA A 67 -27.83 -19.37 -6.81
N ALA A 68 -28.02 -20.30 -7.79
CA ALA A 68 -27.58 -20.24 -9.20
C ALA A 68 -26.14 -19.74 -9.42
N ALA A 71 -25.48 -16.48 -8.05
CA ALA A 71 -25.33 -15.06 -7.78
C ALA A 71 -26.24 -14.23 -8.69
N PRO A 72 -26.66 -13.00 -8.31
CA PRO A 72 -26.36 -12.28 -7.06
C PRO A 72 -27.12 -12.82 -5.87
N ASP A 73 -26.40 -13.18 -4.78
CA ASP A 73 -26.95 -13.74 -3.55
C ASP A 73 -28.02 -12.86 -2.89
N VAL A 74 -27.86 -11.51 -2.99
CA VAL A 74 -28.80 -10.49 -2.52
C VAL A 74 -28.51 -9.15 -3.20
N LEU A 75 -29.54 -8.33 -3.35
CA LEU A 75 -29.44 -7.03 -4.01
C LEU A 75 -30.08 -5.97 -3.13
N VAL A 76 -29.39 -4.82 -3.00
CA VAL A 76 -29.89 -3.72 -2.18
C VAL A 76 -30.13 -2.53 -3.11
N ASP A 77 -31.34 -1.97 -3.07
CA ASP A 77 -31.72 -0.85 -3.92
C ASP A 77 -31.01 0.45 -3.50
N THR A 78 -30.19 0.99 -4.43
CA THR A 78 -29.40 2.23 -4.23
C THR A 78 -30.01 3.46 -4.95
N THR A 79 -31.22 3.33 -5.53
CA THR A 79 -31.93 4.40 -6.23
C THR A 79 -32.33 5.50 -5.23
N GLY A 80 -31.97 6.75 -5.56
CA GLY A 80 -32.23 7.91 -4.71
C GLY A 80 -31.04 8.31 -3.87
N GLN A 81 -30.02 7.42 -3.76
CA GLN A 81 -28.78 7.66 -3.01
C GLN A 81 -27.68 8.23 -3.91
N SER A 82 -27.31 9.50 -3.68
CA SER A 82 -26.29 10.23 -4.44
C SER A 82 -25.59 11.31 -3.61
N ASN A 83 -24.26 11.47 -3.84
CA ASN A 83 -23.39 12.47 -3.22
C ASN A 83 -23.43 12.47 -1.69
N GLU A 84 -23.54 11.24 -1.13
CA GLU A 84 -23.66 10.97 0.29
C GLU A 84 -22.74 9.82 0.68
N THR A 85 -22.39 9.78 1.97
CA THR A 85 -21.66 8.70 2.59
C THR A 85 -22.69 8.09 3.53
N MET A 86 -23.07 6.85 3.24
CA MET A 86 -24.06 6.12 4.02
C MET A 86 -23.44 4.84 4.65
N LEU A 87 -24.15 4.26 5.62
CA LEU A 87 -23.73 3.00 6.23
C LEU A 87 -24.67 1.89 5.73
N LEU A 88 -24.12 0.84 5.11
CA LEU A 88 -24.92 -0.31 4.72
C LEU A 88 -25.10 -1.18 5.99
N CYS A 89 -26.35 -1.27 6.49
CA CYS A 89 -26.71 -1.94 7.74
C CYS A 89 -27.67 -3.08 7.56
N LEU A 90 -27.52 -4.07 8.47
CA LEU A 90 -28.36 -5.26 8.63
C LEU A 90 -29.17 -4.97 9.89
N THR A 91 -30.49 -4.82 9.73
CA THR A 91 -31.39 -4.39 10.80
C THR A 91 -32.44 -5.43 11.15
N ILE A 92 -32.71 -5.56 12.44
CA ILE A 92 -33.79 -6.36 12.96
C ILE A 92 -34.82 -5.34 13.47
N ASP A 93 -36.07 -5.46 12.99
CA ASP A 93 -37.17 -4.59 13.38
C ASP A 93 -38.30 -5.48 13.90
N LEU A 94 -38.44 -5.62 15.23
CA LEU A 94 -39.46 -6.48 15.81
C LEU A 94 -40.90 -5.96 15.71
N ASN A 95 -41.09 -4.75 15.13
CA ASN A 95 -42.40 -4.12 14.93
C ASN A 95 -43.04 -4.68 13.69
N GLN A 96 -42.22 -5.15 12.74
CA GLN A 96 -42.67 -5.77 11.51
C GLN A 96 -43.23 -7.18 11.79
N VAL A 97 -43.94 -7.76 10.80
CA VAL A 97 -44.55 -9.08 10.93
C VAL A 97 -43.97 -10.01 9.88
N ASN A 98 -43.42 -11.16 10.30
CA ASN A 98 -42.89 -12.17 9.39
C ASN A 98 -44.05 -12.98 8.83
N VAL A 99 -44.16 -13.00 7.51
CA VAL A 99 -45.26 -13.64 6.79
C VAL A 99 -44.98 -15.07 6.32
N PRO A 100 -45.58 -16.10 6.98
CA PRO A 100 -45.38 -17.48 6.52
C PRO A 100 -46.37 -17.86 5.44
N SER A 101 -46.01 -18.86 4.62
CA SER A 101 -46.87 -19.35 3.53
C SER A 101 -46.61 -20.84 3.30
N GLY A 102 -47.61 -21.54 2.76
CA GLY A 102 -47.52 -22.97 2.47
C GLY A 102 -47.68 -23.78 3.72
N THR A 103 -47.23 -25.05 3.72
CA THR A 103 -47.40 -25.87 4.93
C THR A 103 -46.32 -26.91 5.18
N VAL A 104 -46.12 -27.21 6.46
CA VAL A 104 -45.25 -28.25 7.00
C VAL A 104 -46.23 -29.43 7.05
N GLY A 105 -46.17 -30.25 6.02
CA GLY A 105 -47.06 -31.38 5.78
C GLY A 105 -46.90 -31.70 4.32
N THR A 106 -46.93 -30.62 3.53
CA THR A 106 -46.51 -30.57 2.15
C THR A 106 -45.06 -30.09 2.35
N ASN A 107 -44.33 -29.90 1.30
CA ASN A 107 -42.99 -29.38 1.52
C ASN A 107 -42.97 -27.98 0.89
N THR A 108 -43.82 -27.08 1.45
CA THR A 108 -44.05 -25.71 0.95
C THR A 108 -43.96 -24.56 1.97
N TYR A 109 -43.44 -24.83 3.18
CA TYR A 109 -43.32 -23.78 4.20
C TYR A 109 -42.20 -22.80 3.88
N ALA A 110 -42.56 -21.51 3.85
CA ALA A 110 -41.65 -20.39 3.56
C ALA A 110 -42.05 -19.19 4.41
N VAL A 111 -41.07 -18.34 4.77
CA VAL A 111 -41.34 -17.12 5.53
C VAL A 111 -40.69 -15.93 4.85
N ASP A 112 -41.45 -14.82 4.75
CA ASP A 112 -40.96 -13.54 4.26
C ASP A 112 -40.60 -12.79 5.57
N TYR A 113 -39.30 -12.70 5.87
CA TYR A 113 -38.81 -12.10 7.13
C TYR A 113 -38.73 -10.59 7.01
N LYS A 114 -39.88 -9.94 7.22
CA LYS A 114 -40.02 -8.49 7.17
C LYS A 114 -39.35 -7.87 8.42
N GLN A 115 -38.99 -8.71 9.42
CA GLN A 115 -38.28 -8.25 10.62
C GLN A 115 -36.78 -8.08 10.34
N ILE A 116 -36.31 -8.45 9.12
CA ILE A 116 -34.91 -8.33 8.72
C ILE A 116 -34.82 -7.43 7.49
N ARG A 117 -33.90 -6.45 7.50
CA ARG A 117 -33.67 -5.49 6.43
C ARG A 117 -32.18 -5.28 6.16
N LEU A 118 -31.83 -5.03 4.89
CA LEU A 118 -30.51 -4.58 4.46
C LEU A 118 -30.83 -3.20 3.98
N GLU A 119 -30.27 -2.17 4.64
CA GLU A 119 -30.61 -0.77 4.33
C GLU A 119 -29.40 0.18 4.46
N PHE A 120 -29.64 1.46 4.10
CA PHE A 120 -28.65 2.53 4.19
C PHE A 120 -29.12 3.49 5.20
N LEU A 121 -28.25 3.76 6.19
CA LEU A 121 -28.52 4.69 7.28
C LEU A 121 -27.41 5.72 7.34
N ASP A 122 -27.73 6.91 7.84
CA ASP A 122 -26.71 7.93 8.05
C ASP A 122 -26.07 7.61 9.42
N VAL A 123 -24.89 8.14 9.72
CA VAL A 123 -24.21 7.89 11.01
C VAL A 123 -25.09 8.19 12.26
N PRO A 124 -25.80 9.33 12.37
CA PRO A 124 -26.61 9.55 13.59
C PRO A 124 -27.74 8.56 13.81
N THR A 125 -28.32 8.04 12.70
CA THR A 125 -29.44 7.07 12.74
C THR A 125 -28.96 5.71 13.24
N LEU A 126 -27.83 5.23 12.68
CA LEU A 126 -27.20 3.97 13.08
C LEU A 126 -26.82 4.01 14.57
N LEU A 127 -26.16 5.09 15.02
CA LEU A 127 -25.74 5.23 16.42
C LEU A 127 -26.93 5.14 17.38
N LYS A 128 -28.10 5.67 17.00
CA LYS A 128 -29.30 5.63 17.83
C LYS A 128 -29.90 4.21 17.94
N GLN A 129 -29.52 3.29 17.01
CA GLN A 129 -30.00 1.90 17.02
C GLN A 129 -28.86 0.83 16.83
N TYR A 130 -27.61 1.21 17.17
CA TYR A 130 -26.42 0.38 17.12
C TYR A 130 -26.46 -0.66 18.25
N TRP A 131 -26.24 -1.94 17.91
CA TRP A 131 -26.23 -3.06 18.87
C TRP A 131 -25.22 -2.91 20.01
N ARG A 132 -24.11 -2.22 19.78
CA ARG A 132 -23.07 -2.01 20.79
C ARG A 132 -23.54 -1.11 21.93
N ASP A 133 -24.53 -0.24 21.62
CA ASP A 133 -25.05 0.76 22.54
C ASP A 133 -26.48 0.55 22.97
N HIS A 134 -27.27 -0.22 22.22
CA HIS A 134 -28.67 -0.46 22.54
C HIS A 134 -29.01 -1.91 22.32
N SER A 135 -30.02 -2.41 23.05
CA SER A 135 -30.39 -3.81 22.98
C SER A 135 -31.89 -4.07 22.90
N LEU A 136 -32.28 -5.13 22.17
CA LEU A 136 -33.66 -5.62 22.10
C LEU A 136 -33.98 -6.23 23.48
N HIS A 137 -32.96 -6.86 24.10
CA HIS A 137 -33.01 -7.56 25.39
C HIS A 137 -32.74 -6.66 26.63
N ASP A 138 -32.48 -5.35 26.40
CA ASP A 138 -32.14 -4.36 27.45
C ASP A 138 -33.16 -4.30 28.61
N LEU A 139 -32.64 -4.20 29.86
CA LEU A 139 -33.42 -4.15 31.09
C LEU A 139 -34.16 -2.80 31.29
N ILE A 140 -33.43 -1.68 31.17
CA ILE A 140 -33.95 -0.32 31.37
C ILE A 140 -34.63 0.27 30.12
N ASP A 141 -33.95 0.24 28.95
CA ASP A 141 -34.49 0.78 27.69
C ASP A 141 -34.56 -0.32 26.57
N PRO A 142 -35.50 -1.29 26.67
CA PRO A 142 -35.54 -2.33 25.62
C PRO A 142 -35.99 -1.70 24.31
N ARG A 143 -35.32 -2.07 23.23
CA ARG A 143 -35.60 -1.56 21.89
C ARG A 143 -36.32 -2.61 21.05
N ARG A 144 -36.93 -2.17 19.94
CA ARG A 144 -37.63 -3.05 19.01
C ARG A 144 -36.89 -3.08 17.69
N VAL A 145 -36.01 -2.08 17.47
CA VAL A 145 -35.20 -1.99 16.26
C VAL A 145 -33.72 -1.81 16.57
N ILE A 146 -32.89 -2.73 16.04
CA ILE A 146 -31.45 -2.77 16.24
C ILE A 146 -30.68 -3.05 14.95
N SER A 147 -29.51 -2.42 14.75
CA SER A 147 -28.74 -2.57 13.52
C SER A 147 -27.25 -2.87 13.73
N MET A 148 -26.63 -3.46 12.70
CA MET A 148 -25.20 -3.70 12.66
C MET A 148 -24.63 -3.17 11.36
N PRO A 149 -23.67 -2.22 11.42
CA PRO A 149 -23.11 -1.66 10.19
C PRO A 149 -22.10 -2.62 9.58
N LEU A 150 -22.22 -2.80 8.27
CA LEU A 150 -21.36 -3.69 7.53
C LEU A 150 -20.33 -2.94 6.69
N TYR A 151 -20.77 -1.85 6.02
CA TYR A 151 -19.91 -1.09 5.11
C TYR A 151 -20.18 0.40 5.13
N TRP A 152 -19.10 1.18 4.95
CA TRP A 152 -19.15 2.61 4.70
C TRP A 152 -19.37 2.62 3.17
N ILE A 153 -20.44 3.24 2.70
CA ILE A 153 -20.74 3.30 1.25
C ILE A 153 -20.76 4.75 0.82
N THR A 154 -19.86 5.14 -0.09
CA THR A 154 -19.87 6.54 -0.55
C THR A 154 -20.38 6.63 -1.98
N PHE A 155 -21.60 7.18 -2.12
CA PHE A 155 -22.26 7.35 -3.41
C PHE A 155 -21.79 8.65 -4.08
N GLY A 156 -21.49 8.57 -5.37
CA GLY A 156 -21.10 9.71 -6.18
C GLY A 156 -22.29 10.36 -6.86
N GLN A 157 -22.10 10.78 -8.13
CA GLN A 157 -23.14 11.39 -8.96
C GLN A 157 -24.04 10.31 -9.57
N THR A 158 -25.32 10.64 -9.86
CA THR A 158 -26.28 9.70 -10.43
C THR A 158 -25.72 9.04 -11.70
N GLY A 159 -25.69 7.70 -11.71
CA GLY A 159 -25.17 6.92 -12.81
C GLY A 159 -23.81 6.27 -12.57
N THR A 160 -23.25 6.42 -11.34
CA THR A 160 -21.96 5.83 -10.97
C THR A 160 -22.10 4.70 -9.93
N THR A 161 -21.11 3.77 -9.88
CA THR A 161 -21.05 2.70 -8.87
C THR A 161 -20.38 3.30 -7.60
N PRO A 162 -20.78 2.94 -6.35
CA PRO A 162 -20.17 3.62 -5.19
C PRO A 162 -18.83 3.07 -4.74
N LEU A 163 -18.18 3.81 -3.82
CA LEU A 163 -16.94 3.41 -3.15
C LEU A 163 -17.31 2.77 -1.82
N TYR A 164 -16.56 1.75 -1.40
CA TYR A 164 -16.87 1.00 -0.18
C TYR A 164 -15.69 0.73 0.76
N GLU A 165 -16.01 0.62 2.07
CA GLU A 165 -15.04 0.30 3.11
C GLU A 165 -15.70 -0.62 4.15
N GLN A 166 -15.15 -1.84 4.29
CA GLN A 166 -15.63 -2.83 5.26
C GLN A 166 -15.45 -2.35 6.71
N ILE A 167 -16.51 -2.56 7.56
CA ILE A 167 -16.50 -2.22 8.98
C ILE A 167 -16.13 -3.51 9.67
N LYS A 168 -14.82 -3.76 9.70
CA LYS A 168 -14.23 -4.96 10.22
C LYS A 168 -14.54 -5.27 11.68
N SER A 169 -14.81 -4.25 12.51
CA SER A 169 -15.22 -4.45 13.90
C SER A 169 -16.50 -5.29 13.97
N ASN A 170 -17.35 -5.26 12.91
CA ASN A 170 -18.63 -6.01 12.87
C ASN A 170 -18.56 -7.36 12.14
N TYR A 171 -17.34 -7.80 11.85
CA TYR A 171 -17.08 -9.08 11.22
C TYR A 171 -16.23 -9.91 12.17
N ILE A 172 -16.71 -11.09 12.54
CA ILE A 172 -15.96 -12.01 13.41
C ILE A 172 -15.22 -12.88 12.36
N ASP A 173 -14.14 -12.31 11.83
CA ASP A 173 -13.33 -12.86 10.75
C ASP A 173 -12.44 -14.01 11.22
N GLY A 174 -11.57 -13.69 12.18
CA GLY A 174 -10.61 -14.62 12.78
C GLY A 174 -9.71 -13.98 13.82
N GLY A 175 -9.15 -14.83 14.67
CA GLY A 175 -8.28 -14.44 15.76
C GLY A 175 -9.04 -14.45 17.07
N ASN A 176 -10.36 -14.13 16.98
CA ASN A 176 -11.28 -14.06 18.10
C ASN A 176 -12.38 -15.15 18.24
N SER A 177 -12.46 -16.16 17.33
CA SER A 177 -13.42 -17.29 17.43
C SER A 177 -13.21 -18.00 18.79
N GLY A 178 -14.28 -18.31 19.50
CA GLY A 178 -14.16 -18.94 20.81
C GLY A 178 -14.34 -17.95 21.93
N ASN A 179 -13.63 -16.81 21.84
CA ASN A 179 -13.75 -15.73 22.83
C ASN A 179 -14.00 -14.39 22.08
N PRO A 180 -15.13 -14.28 21.36
CA PRO A 180 -15.32 -13.10 20.47
C PRO A 180 -15.29 -11.71 21.08
N ALA A 181 -15.69 -11.57 22.34
CA ALA A 181 -15.71 -10.28 23.02
C ALA A 181 -14.37 -9.93 23.76
N TYR A 182 -13.44 -10.91 23.85
CA TYR A 182 -12.17 -10.75 24.57
C TYR A 182 -10.96 -11.00 23.67
N GLY A 183 -9.90 -11.59 24.22
CA GLY A 183 -8.68 -11.91 23.46
C GLY A 183 -7.79 -10.71 23.21
N ILE A 184 -6.80 -10.86 22.35
CA ILE A 184 -5.81 -9.82 22.01
C ILE A 184 -6.42 -8.59 21.36
N ALA A 185 -6.04 -7.39 21.87
CA ALA A 185 -6.50 -6.13 21.32
C ALA A 185 -5.44 -5.61 20.37
N ALA A 186 -4.16 -5.69 20.77
CA ALA A 186 -3.03 -5.24 19.96
C ALA A 186 -1.76 -6.01 20.37
N ARG A 187 -0.88 -6.25 19.40
CA ARG A 187 0.39 -6.96 19.61
C ARG A 187 1.34 -6.55 18.49
N CYS A 188 2.65 -6.70 18.75
CA CYS A 188 3.69 -6.37 17.78
C CYS A 188 4.87 -7.30 17.89
N GLU A 189 5.73 -7.26 16.88
CA GLU A 189 6.98 -8.02 16.88
C GLU A 189 8.02 -7.10 17.53
N ASN A 190 9.18 -7.64 17.95
CA ASN A 190 10.26 -6.88 18.54
C ASN A 190 10.72 -5.80 17.58
N PHE A 191 10.98 -4.60 18.10
CA PHE A 191 11.50 -3.46 17.36
C PHE A 191 12.49 -2.64 18.20
N ASN A 192 13.36 -1.86 17.54
CA ASN A 192 14.33 -0.96 18.14
C ASN A 192 13.88 0.48 17.86
N HIS A 193 13.97 1.34 18.89
CA HIS A 193 13.53 2.71 18.82
C HIS A 193 14.46 3.60 19.58
N PHE A 194 14.91 4.67 18.90
CA PHE A 194 15.84 5.64 19.47
C PHE A 194 15.14 6.49 20.50
N ILE A 195 15.82 6.72 21.64
CA ILE A 195 15.29 7.56 22.71
C ILE A 195 15.68 9.01 22.45
N ASN A 196 14.67 9.87 22.20
CA ASN A 196 14.85 11.31 21.99
C ASN A 196 15.39 11.94 23.27
N LYS A 197 16.13 13.06 23.14
CA LYS A 197 16.77 13.73 24.26
C LYS A 197 15.80 14.70 24.94
N VAL A 198 14.75 14.13 25.55
CA VAL A 198 13.69 14.86 26.23
C VAL A 198 13.35 14.15 27.55
N ALA A 199 12.60 14.83 28.46
CA ALA A 199 12.20 14.25 29.75
C ALA A 199 11.13 13.17 29.61
N VAL A 200 10.09 13.43 28.76
CA VAL A 200 8.93 12.55 28.56
C VAL A 200 8.66 12.38 27.06
N GLN A 201 8.54 11.14 26.60
CA GLN A 201 8.24 10.83 25.20
C GLN A 201 7.41 9.57 25.12
N SER A 202 6.58 9.45 24.08
CA SER A 202 5.80 8.23 23.89
C SER A 202 6.61 7.22 23.09
N ILE A 203 6.39 5.92 23.34
CA ILE A 203 7.03 4.84 22.61
C ILE A 203 6.04 4.51 21.46
N PRO A 204 6.48 4.51 20.18
CA PRO A 204 5.52 4.29 19.08
C PRO A 204 5.08 2.84 18.99
N ILE A 205 3.81 2.59 19.29
CA ILE A 205 3.23 1.24 19.33
C ILE A 205 2.38 0.92 18.08
N ASN A 206 2.29 1.86 17.12
CA ASN A 206 1.44 1.64 15.95
C ASN A 206 2.07 1.15 14.64
N GLY A 207 3.31 0.64 14.69
CA GLY A 207 3.93 0.06 13.52
C GLY A 207 5.12 0.74 12.88
N VAL A 208 5.48 1.94 13.36
CA VAL A 208 6.65 2.64 12.84
C VAL A 208 7.51 3.02 14.03
N ALA A 209 8.81 2.69 13.97
CA ALA A 209 9.76 3.04 15.01
C ALA A 209 10.92 3.84 14.41
N ASN A 210 11.59 4.64 15.24
CA ASN A 210 12.75 5.38 14.78
C ASN A 210 13.97 4.50 15.07
N ARG A 211 14.22 3.59 14.14
CA ARG A 211 15.24 2.57 14.25
C ARG A 211 16.67 3.06 14.09
N PRO A 212 17.56 2.81 15.10
CA PRO A 212 18.97 3.15 14.94
C PRO A 212 19.57 2.29 13.83
N VAL A 213 20.07 2.94 12.73
CA VAL A 213 20.64 2.27 11.56
C VAL A 213 22.17 2.39 11.38
N SER A 214 22.76 3.45 11.90
CA SER A 214 24.21 3.70 11.80
C SER A 214 24.70 4.36 13.07
N SER A 215 26.00 4.66 13.15
CA SER A 215 26.59 5.30 14.33
C SER A 215 26.19 6.78 14.44
N THR A 216 25.48 7.30 13.42
CA THR A 216 25.07 8.72 13.39
C THR A 216 23.59 8.93 13.08
N ALA A 217 22.86 7.89 12.65
CA ALA A 217 21.46 8.09 12.29
C ALA A 217 20.52 6.97 12.62
N SER A 218 19.25 7.37 12.79
CA SER A 218 18.09 6.52 13.00
C SER A 218 17.12 6.86 11.87
N GLN A 219 16.33 5.89 11.42
CA GLN A 219 15.34 6.13 10.40
C GLN A 219 14.03 5.42 10.70
N LEU A 220 12.91 6.10 10.39
CA LEU A 220 11.56 5.60 10.56
C LEU A 220 11.42 4.34 9.70
N THR A 221 11.19 3.21 10.38
CA THR A 221 11.09 1.86 9.79
C THR A 221 9.85 1.15 10.29
N ASN A 222 9.13 0.50 9.38
CA ASN A 222 7.97 -0.27 9.76
C ASN A 222 8.37 -1.55 10.54
N TYR A 223 7.47 -2.00 11.43
CA TYR A 223 7.59 -3.26 12.14
C TYR A 223 6.18 -3.89 12.14
N LYS A 224 6.11 -5.24 12.14
CA LYS A 224 4.84 -5.97 12.14
C LYS A 224 4.02 -5.69 13.41
N VAL A 225 2.76 -5.27 13.23
CA VAL A 225 1.81 -4.97 14.32
C VAL A 225 0.42 -5.46 13.90
N TRP A 226 -0.36 -5.84 14.88
CA TRP A 226 -1.72 -6.29 14.65
C TRP A 226 -2.66 -5.67 15.65
N ARG A 227 -3.84 -5.25 15.17
CA ARG A 227 -4.91 -4.67 16.00
C ARG A 227 -6.25 -5.37 15.76
N ASN A 228 -7.00 -5.62 16.83
CA ASN A 228 -8.35 -6.21 16.76
C ASN A 228 -9.28 -4.98 16.66
N PRO A 229 -9.94 -4.76 15.47
CA PRO A 229 -10.75 -3.54 15.29
C PRO A 229 -11.95 -3.37 16.24
N TYR A 230 -12.40 -4.47 16.78
CA TYR A 230 -13.51 -4.48 17.72
C TYR A 230 -13.12 -3.87 19.07
N LEU A 231 -11.81 -3.96 19.43
CA LEU A 231 -11.29 -3.56 20.73
C LEU A 231 -10.49 -2.30 20.69
N CYS A 232 -9.75 -2.03 19.58
CA CYS A 232 -8.94 -0.83 19.50
C CYS A 232 -8.61 -0.42 18.08
N SER A 233 -8.17 0.83 17.92
CA SER A 233 -7.77 1.34 16.59
C SER A 233 -6.65 2.37 16.70
N GLN A 234 -5.91 2.57 15.61
CA GLN A 234 -4.85 3.58 15.54
C GLN A 234 -5.55 4.96 15.62
N ASP A 235 -4.98 5.91 16.41
CA ASP A 235 -5.57 7.25 16.56
C ASP A 235 -5.87 7.89 15.16
N PRO A 236 -7.11 8.43 14.96
CA PRO A 236 -7.47 9.03 13.65
C PRO A 236 -6.79 10.38 13.33
N ARG A 237 -6.15 11.02 14.36
CA ARG A 237 -5.45 12.30 14.19
C ARG A 237 -3.97 12.05 13.90
N ASP A 238 -3.47 12.61 12.78
CA ASP A 238 -2.07 12.38 12.38
C ASP A 238 -0.97 12.75 13.41
N LYS A 239 -1.25 13.69 14.32
CA LYS A 239 -0.29 14.08 15.34
C LYS A 239 -0.03 12.93 16.35
N PHE A 240 -1.10 12.15 16.64
CA PHE A 240 -1.05 11.06 17.64
C PHE A 240 -0.99 9.65 17.00
N ALA A 241 -1.22 9.55 15.67
CA ALA A 241 -1.22 8.30 14.95
C ALA A 241 -0.05 7.33 15.24
N PRO A 242 1.24 7.78 15.38
CA PRO A 242 2.33 6.81 15.65
C PRO A 242 2.28 6.19 17.03
N ASP A 243 1.77 6.94 18.02
CA ASP A 243 1.79 6.57 19.44
C ASP A 243 0.53 6.08 20.12
N ASN A 244 -0.62 6.69 19.80
CA ASN A 244 -1.86 6.43 20.51
C ASN A 244 -2.79 5.46 19.90
N LEU A 245 -3.38 4.63 20.76
CA LEU A 245 -4.44 3.68 20.43
C LEU A 245 -5.70 4.32 20.95
N VAL A 246 -6.81 4.06 20.25
CA VAL A 246 -8.14 4.44 20.72
C VAL A 246 -8.80 3.13 21.12
N ILE A 247 -9.25 3.08 22.35
CA ILE A 247 -9.96 1.94 22.88
C ILE A 247 -11.40 2.03 22.44
N GLU A 248 -11.90 0.95 21.84
CA GLU A 248 -13.29 0.87 21.34
C GLU A 248 -14.28 0.17 22.31
N GLU A 249 -13.76 -0.51 23.32
CA GLU A 249 -14.56 -1.34 24.22
C GLU A 249 -14.06 -1.22 25.64
N ASP A 250 -14.98 -0.95 26.57
CA ASP A 250 -14.68 -0.88 28.02
C ASP A 250 -14.15 -2.23 28.49
N GLY A 251 -13.32 -2.20 29.52
CA GLY A 251 -12.86 -3.44 30.11
C GLY A 251 -11.65 -3.30 30.97
N ILE A 252 -11.30 -4.43 31.57
CA ILE A 252 -10.05 -4.62 32.30
C ILE A 252 -9.13 -5.25 31.26
N TYR A 253 -8.05 -4.55 30.98
CA TYR A 253 -7.07 -5.00 30.01
C TYR A 253 -5.76 -5.42 30.67
N ARG A 254 -5.03 -6.30 30.01
CA ARG A 254 -3.71 -6.72 30.47
C ARG A 254 -2.71 -6.18 29.46
N ILE A 255 -1.68 -5.47 29.96
CA ILE A 255 -0.57 -4.93 29.18
C ILE A 255 0.70 -5.68 29.55
N ASP A 256 1.38 -6.21 28.54
CA ASP A 256 2.66 -6.92 28.73
C ASP A 256 3.67 -6.11 27.96
N ILE A 257 4.80 -5.80 28.57
CA ILE A 257 5.91 -5.15 27.87
C ILE A 257 7.21 -5.88 28.20
N SER A 258 8.15 -5.84 27.27
CA SER A 258 9.53 -6.32 27.43
C SER A 258 10.39 -5.73 26.38
N GLY A 259 11.65 -5.66 26.71
CA GLY A 259 12.71 -5.21 25.83
C GLY A 259 13.87 -4.88 26.70
N SER A 260 14.72 -4.04 26.19
CA SER A 260 15.91 -3.65 26.93
C SER A 260 16.30 -2.23 26.55
N ILE A 261 17.06 -1.58 27.42
CA ILE A 261 17.60 -0.24 27.19
C ILE A 261 19.06 -0.49 26.85
N ASN A 262 19.42 -0.19 25.61
CA ASN A 262 20.77 -0.34 25.07
C ASN A 262 21.48 1.02 25.07
N ILE A 263 22.81 1.00 25.30
CA ILE A 263 23.69 2.19 25.41
C ILE A 263 23.19 3.13 26.51
N ALA A 264 22.69 2.52 27.59
CA ALA A 264 22.16 3.20 28.77
C ALA A 264 23.29 4.00 29.44
N ASN A 265 22.99 5.28 29.76
CA ASN A 265 23.96 6.17 30.40
C ASN A 265 24.10 5.89 31.89
N TYR A 266 25.24 6.28 32.45
CA TYR A 266 25.56 6.17 33.87
C TYR A 266 26.81 6.99 34.18
N THR A 267 26.93 7.48 35.42
CA THR A 267 28.11 8.24 35.85
C THR A 267 29.29 7.29 35.98
N PHE A 268 30.33 7.54 35.17
CA PHE A 268 31.53 6.73 35.11
C PHE A 268 32.23 6.62 36.46
N PRO A 269 32.65 5.39 36.84
CA PRO A 269 33.36 5.22 38.11
C PRO A 269 34.71 5.92 38.04
N ALA A 270 34.89 6.93 38.89
CA ALA A 270 36.10 7.74 38.98
C ALA A 270 36.55 7.85 40.44
N SER A 271 37.80 8.30 40.68
CA SER A 271 38.36 8.47 42.02
C SER A 271 37.52 9.39 42.93
N GLY A 272 36.86 10.39 42.33
CA GLY A 272 36.00 11.35 43.01
C GLY A 272 34.74 10.74 43.61
N ASN A 273 34.18 9.69 42.97
CA ASN A 273 32.96 9.02 43.44
C ASN A 273 33.22 7.63 44.11
N SER A 274 34.50 7.36 44.46
CA SER A 274 35.00 6.13 45.10
C SER A 274 34.91 4.89 44.19
N TRP A 275 35.21 5.08 42.88
CA TRP A 275 35.16 4.07 41.80
C TRP A 275 33.81 3.30 41.81
N ARG A 276 32.72 4.06 41.69
CA ARG A 276 31.34 3.55 41.70
C ARG A 276 30.48 4.06 40.58
N VAL A 277 29.62 3.19 40.04
CA VAL A 277 28.66 3.52 38.98
C VAL A 277 27.53 4.38 39.54
N GLY A 278 27.34 5.54 38.92
CA GLY A 278 26.26 6.44 39.27
C GLY A 278 25.12 6.09 38.34
N GLY A 279 24.18 5.29 38.85
CA GLY A 279 22.99 4.89 38.11
C GLY A 279 22.10 6.06 37.84
N ARG A 280 21.33 5.97 36.76
CA ARG A 280 20.40 7.02 36.34
C ARG A 280 18.98 6.50 36.30
N TYR A 281 18.07 7.21 36.96
CA TYR A 281 16.68 6.82 37.02
C TYR A 281 15.96 6.99 35.69
N PHE A 282 15.11 6.02 35.38
CA PHE A 282 14.20 6.05 34.24
C PHE A 282 12.98 5.24 34.64
N GLN A 283 11.88 5.48 33.97
CA GLN A 283 10.66 4.73 34.14
C GLN A 283 9.86 4.58 32.86
N ILE A 284 9.25 3.42 32.69
CA ILE A 284 8.33 3.16 31.59
C ILE A 284 6.95 3.13 32.21
N VAL A 285 6.05 3.97 31.67
CA VAL A 285 4.69 4.06 32.17
C VAL A 285 3.64 3.76 31.09
N CYS A 286 2.48 3.24 31.47
CA CYS A 286 1.38 3.14 30.50
C CYS A 286 0.40 4.24 30.91
N ALA A 287 -0.31 4.80 29.95
CA ALA A 287 -1.19 5.94 30.19
C ALA A 287 -2.52 5.84 29.46
N ARG A 288 -3.51 6.53 30.00
CA ARG A 288 -4.86 6.66 29.44
C ARG A 288 -5.26 8.13 29.54
N ASN A 289 -5.96 8.63 28.53
CA ASN A 289 -6.39 10.02 28.44
C ASN A 289 -7.74 10.01 27.74
N SER A 290 -8.74 10.71 28.34
CA SER A 290 -10.11 10.77 27.83
C SER A 290 -10.56 12.23 27.61
N SER A 291 -9.60 13.16 27.52
CA SER A 291 -9.97 14.57 27.37
C SER A 291 -10.68 14.82 26.03
N ALA A 292 -10.24 14.13 24.96
CA ALA A 292 -10.83 14.26 23.65
C ALA A 292 -12.01 13.27 23.47
N ASN A 293 -13.22 13.79 23.18
CA ASN A 293 -14.39 12.96 22.93
C ASN A 293 -14.38 12.52 21.46
N ASN A 294 -15.28 11.61 21.11
CA ASN A 294 -15.57 11.13 19.75
C ASN A 294 -14.43 10.46 18.96
N LEU A 295 -13.42 9.93 19.67
CA LEU A 295 -12.30 9.24 19.01
C LEU A 295 -12.70 7.82 18.57
N ALA A 296 -13.72 7.23 19.24
CA ALA A 296 -14.24 5.89 18.96
C ALA A 296 -14.80 5.80 17.54
N GLU A 297 -15.00 4.59 17.00
CA GLU A 297 -15.58 4.35 15.68
C GLU A 297 -16.94 5.07 15.54
N PHE A 298 -17.17 5.69 14.35
CA PHE A 298 -18.37 6.48 14.00
C PHE A 298 -18.47 7.82 14.78
N GLY A 299 -17.36 8.26 15.39
CA GLY A 299 -17.30 9.40 16.28
C GLY A 299 -18.23 9.23 17.48
N ALA A 300 -18.56 7.98 17.84
CA ALA A 300 -19.46 7.66 18.96
C ALA A 300 -19.03 8.31 20.27
N GLU A 301 -20.01 8.61 21.12
CA GLU A 301 -19.82 9.18 22.45
C GLU A 301 -18.95 8.25 23.34
N GLN A 302 -17.90 8.82 23.96
CA GLN A 302 -17.02 8.09 24.88
C GLN A 302 -17.79 7.61 26.11
N HIS A 303 -17.26 6.57 26.79
CA HIS A 303 -17.85 6.08 28.02
C HIS A 303 -17.09 6.76 29.12
N LEU A 304 -17.80 7.51 29.95
CA LEU A 304 -17.17 8.26 31.04
C LEU A 304 -16.63 7.36 32.16
N PRO A 305 -15.34 7.54 32.51
CA PRO A 305 -14.74 6.71 33.57
C PRO A 305 -15.21 7.12 34.96
N PRO A 306 -15.19 6.22 35.97
CA PRO A 306 -15.65 6.61 37.30
C PRO A 306 -14.75 7.67 37.93
N SER A 307 -15.26 8.36 38.94
CA SER A 307 -14.51 9.41 39.65
C SER A 307 -13.24 8.81 40.29
N GLY A 308 -12.11 9.52 40.14
CA GLY A 308 -10.82 9.09 40.67
C GLY A 308 -10.02 8.12 39.81
N VAL A 309 -10.45 7.86 38.55
CA VAL A 309 -9.78 6.94 37.63
C VAL A 309 -8.29 7.28 37.44
N TRP A 310 -7.45 6.26 37.31
CA TRP A 310 -6.01 6.43 37.05
C TRP A 310 -5.80 7.10 35.65
N THR A 311 -4.63 7.71 35.46
CA THR A 311 -4.23 8.25 34.16
C THR A 311 -2.82 7.77 33.82
N ARG A 312 -1.96 7.55 34.84
CA ARG A 312 -0.59 7.11 34.60
C ARG A 312 -0.24 6.02 35.54
N ARG A 313 0.46 4.98 35.05
CA ARG A 313 0.85 3.86 35.88
C ARG A 313 2.23 3.42 35.54
N VAL A 314 3.09 3.28 36.55
CA VAL A 314 4.48 2.86 36.38
C VAL A 314 4.56 1.35 36.14
N LEU A 315 5.08 0.95 34.99
CA LEU A 315 5.29 -0.44 34.65
C LEU A 315 6.73 -0.90 35.04
N VAL A 316 7.74 -0.03 34.83
CA VAL A 316 9.15 -0.32 35.15
C VAL A 316 9.76 0.96 35.68
N GLY A 317 10.27 0.92 36.90
CA GLY A 317 10.90 2.07 37.53
C GLY A 317 12.17 1.59 38.17
N GLU A 318 13.32 2.06 37.66
CA GLU A 318 14.63 1.68 38.18
C GLU A 318 15.76 2.57 37.69
N TYR A 319 16.99 2.30 38.18
CA TYR A 319 18.21 3.01 37.78
C TYR A 319 19.01 2.18 36.74
N THR A 320 19.79 2.87 35.86
CA THR A 320 20.70 2.18 34.94
C THR A 320 21.77 1.52 35.82
N ALA A 321 22.26 0.34 35.44
CA ALA A 321 23.15 -0.38 36.32
C ALA A 321 24.62 -0.42 35.95
N GLY A 322 25.02 0.36 34.95
CA GLY A 322 26.42 0.37 34.54
C GLY A 322 26.74 -0.62 33.43
N MET A 323 25.74 -1.30 32.91
CA MET A 323 25.90 -2.23 31.81
C MET A 323 25.53 -1.52 30.49
N THR A 324 25.99 -2.06 29.37
CA THR A 324 25.68 -1.48 28.07
C THR A 324 24.18 -1.70 27.82
N GLU A 325 23.70 -2.93 28.10
CA GLU A 325 22.31 -3.31 27.90
C GLU A 325 21.73 -4.00 29.12
N GLN A 326 20.53 -3.60 29.51
CA GLN A 326 19.83 -4.08 30.70
C GLN A 326 18.37 -4.35 30.27
N ALA A 327 17.91 -5.58 30.44
CA ALA A 327 16.56 -6.03 30.08
C ALA A 327 15.49 -5.68 31.14
N PHE A 328 14.25 -5.57 30.71
CA PHE A 328 13.13 -5.27 31.59
C PHE A 328 11.92 -6.01 31.10
N SER A 329 10.97 -6.22 32.02
CA SER A 329 9.71 -6.87 31.72
C SER A 329 8.66 -6.40 32.69
N SER A 330 7.39 -6.32 32.25
CA SER A 330 6.30 -5.91 33.13
C SER A 330 5.00 -6.43 32.64
N VAL A 331 4.10 -6.74 33.56
CA VAL A 331 2.75 -7.23 33.25
C VAL A 331 1.81 -6.56 34.23
N ALA A 332 0.78 -5.86 33.73
CA ALA A 332 -0.20 -5.17 34.57
C ALA A 332 -1.63 -5.30 34.00
N THR A 333 -2.63 -5.26 34.88
CA THR A 333 -4.03 -5.18 34.51
C THR A 333 -4.47 -3.73 34.77
N ILE A 334 -5.14 -3.12 33.79
CA ILE A 334 -5.56 -1.73 33.86
C ILE A 334 -6.99 -1.60 33.38
N SER A 335 -7.71 -0.58 33.82
CA SER A 335 -9.07 -0.29 33.36
C SER A 335 -8.98 0.67 32.17
N LEU A 336 -9.75 0.43 31.12
CA LEU A 336 -9.80 1.28 29.91
C LEU A 336 -11.25 1.41 29.47
N PHE A 337 -11.59 2.60 28.97
CA PHE A 337 -12.95 3.00 28.56
C PHE A 337 -13.06 3.35 27.08
N LYS A 338 -14.24 3.04 26.49
CA LYS A 338 -14.53 3.33 25.10
C LYS A 338 -14.29 4.85 24.93
N GLY A 339 -13.46 5.17 23.94
CA GLY A 339 -13.07 6.53 23.58
C GLY A 339 -11.72 6.97 24.10
N ASP A 340 -11.19 6.23 25.11
CA ASP A 340 -9.87 6.53 25.68
C ASP A 340 -8.80 6.45 24.66
N ASN A 341 -7.75 7.21 24.92
CA ASN A 341 -6.48 7.10 24.27
C ASN A 341 -5.61 6.27 25.22
N PHE A 342 -4.87 5.30 24.67
CA PHE A 342 -3.94 4.46 25.43
C PHE A 342 -2.58 4.60 24.75
N PHE A 343 -1.52 4.77 25.56
CA PHE A 343 -0.15 4.94 25.06
C PHE A 343 0.92 4.57 26.12
N LEU A 344 2.18 4.44 25.67
CA LEU A 344 3.32 4.09 26.53
C LEU A 344 4.33 5.21 26.55
N GLN A 345 4.87 5.57 27.72
CA GLN A 345 5.85 6.64 27.78
C GLN A 345 7.16 6.20 28.39
N PHE A 346 8.25 6.89 28.01
CA PHE A 346 9.62 6.67 28.52
C PHE A 346 10.02 7.97 29.22
N GLU A 347 10.32 7.89 30.50
CA GLU A 347 10.58 9.04 31.33
C GLU A 347 11.92 8.95 32.01
N THR A 348 12.74 9.99 31.88
CA THR A 348 14.08 10.15 32.51
C THR A 348 14.47 11.62 32.63
N GLY A 349 15.55 11.90 33.36
CA GLY A 349 16.12 13.24 33.52
C GLY A 349 16.78 13.74 32.23
N THR A 350 17.01 15.09 32.13
CA THR A 350 17.55 15.73 30.92
C THR A 350 19.03 16.13 30.96
N ASN A 351 19.66 15.99 32.15
CA ASN A 351 21.07 16.32 32.36
C ASN A 351 21.92 15.05 32.19
N THR A 352 22.52 14.90 30.99
CA THR A 352 23.31 13.74 30.60
C THR A 352 24.54 13.46 31.49
N SER A 353 25.01 14.50 32.20
CA SER A 353 26.17 14.33 33.08
C SER A 353 25.76 14.08 34.54
N ARG A 354 24.45 14.11 34.83
CA ARG A 354 23.97 13.91 36.19
C ARG A 354 22.83 12.89 36.40
N ASP A 355 21.62 13.14 35.81
CA ASP A 355 20.42 12.34 36.09
C ASP A 355 19.76 11.58 34.95
N SER A 356 20.27 11.73 33.72
CA SER A 356 19.72 11.14 32.52
C SER A 356 20.17 9.70 32.23
N ALA A 357 19.19 8.84 31.84
CA ALA A 357 19.42 7.47 31.40
C ALA A 357 19.94 7.47 29.96
N TYR A 358 19.76 8.60 29.25
CA TYR A 358 20.26 8.70 27.88
C TYR A 358 21.60 9.42 27.78
N ASN A 359 22.40 9.07 26.77
CA ASN A 359 23.69 9.69 26.49
C ASN A 359 23.57 10.83 25.43
N ASN A 360 24.70 11.27 24.84
CA ASN A 360 24.76 12.34 23.84
C ASN A 360 24.95 11.82 22.39
N GLY A 361 24.87 10.50 22.22
CA GLY A 361 25.03 9.84 20.95
C GLY A 361 23.77 9.74 20.13
N TYR A 362 23.95 9.48 18.84
CA TYR A 362 22.85 9.34 17.89
C TYR A 362 22.97 8.00 17.19
N GLY A 363 21.86 7.53 16.62
CA GLY A 363 21.80 6.25 15.93
C GLY A 363 22.14 5.12 16.87
N THR A 364 22.96 4.16 16.41
CA THR A 364 23.41 3.02 17.22
C THR A 364 24.39 3.41 18.36
N SER A 365 24.82 4.69 18.44
CA SER A 365 25.74 5.17 19.49
C SER A 365 24.96 5.86 20.58
N GLY A 366 23.68 6.08 20.33
CA GLY A 366 22.79 6.72 21.27
C GLY A 366 21.94 5.73 22.02
N THR A 367 21.53 6.11 23.22
CA THR A 367 20.67 5.27 24.05
C THR A 367 19.38 4.98 23.26
N HIS A 368 18.97 3.70 23.23
CA HIS A 368 17.78 3.27 22.53
C HIS A 368 17.13 2.05 23.16
N LEU A 369 15.86 1.87 22.87
CA LEU A 369 15.09 0.68 23.24
C LEU A 369 15.43 -0.37 22.20
N ARG A 370 15.78 -1.56 22.64
CA ARG A 370 16.08 -2.66 21.75
C ARG A 370 15.18 -3.87 22.07
N ASN A 371 14.79 -4.64 21.04
CA ASN A 371 13.92 -5.80 21.19
C ASN A 371 12.63 -5.49 21.98
N PHE A 372 12.06 -4.29 21.76
CA PHE A 372 10.85 -3.88 22.46
C PHE A 372 9.64 -4.50 21.81
N SER A 373 8.75 -5.05 22.59
CA SER A 373 7.46 -5.57 22.10
C SER A 373 6.45 -5.46 23.21
N TYR A 374 5.17 -5.61 22.87
CA TYR A 374 4.07 -5.55 23.81
C TYR A 374 2.90 -6.38 23.30
N THR A 375 1.99 -6.74 24.22
CA THR A 375 0.69 -7.30 23.94
C THR A 375 -0.33 -6.54 24.83
N LEU A 376 -1.44 -6.14 24.24
CA LEU A 376 -2.57 -5.55 24.94
C LEU A 376 -3.75 -6.52 24.71
N GLU A 377 -4.37 -6.99 25.80
CA GLU A 377 -5.44 -7.97 25.76
C GLU A 377 -6.57 -7.56 26.69
N ARG A 378 -7.84 -7.86 26.30
CA ARG A 378 -9.04 -7.59 27.13
C ARG A 378 -9.28 -8.82 27.99
N VAL A 379 -9.19 -8.67 29.33
CA VAL A 379 -9.28 -9.81 30.25
C VAL A 379 -10.50 -9.79 31.20
N GLY A 380 -11.27 -8.71 31.15
CA GLY A 380 -12.44 -8.55 31.98
C GLY A 380 -13.34 -7.42 31.54
N ASP A 381 -14.59 -7.44 32.00
CA ASP A 381 -15.55 -6.40 31.64
C ASP A 381 -15.74 -5.43 32.81
N LEU A 382 -16.46 -4.33 32.55
CA LEU A 382 -16.76 -3.31 33.56
C LEU A 382 -18.28 -3.09 33.71
N ASN A 383 -19.06 -4.15 33.47
CA ASN A 383 -20.51 -4.13 33.64
C ASN A 383 -20.87 -4.12 35.12
N GLY A 384 -22.02 -3.49 35.43
CA GLY A 384 -22.55 -3.37 36.78
C GLY A 384 -21.64 -2.74 37.82
N THR A 385 -21.53 -3.43 38.95
CA THR A 385 -20.72 -3.00 40.11
C THR A 385 -19.21 -2.83 39.82
N ALA A 386 -18.68 -3.63 38.88
CA ALA A 386 -17.28 -3.64 38.45
C ALA A 386 -16.84 -2.23 37.99
N TYR A 387 -17.77 -1.46 37.40
CA TYR A 387 -17.52 -0.12 36.91
C TYR A 387 -16.89 0.77 38.02
N TYR A 388 -17.44 0.69 39.24
CA TYR A 388 -16.95 1.49 40.37
C TYR A 388 -15.82 0.82 41.15
N ASP A 389 -15.98 -0.49 41.42
CA ASP A 389 -15.04 -1.31 42.19
C ASP A 389 -13.71 -1.51 41.48
N ASN A 390 -13.74 -1.82 40.19
CA ASN A 390 -12.59 -2.20 39.40
C ASN A 390 -12.17 -1.16 38.35
N GLY A 391 -13.06 -0.21 38.02
CA GLY A 391 -12.84 0.77 36.98
C GLY A 391 -11.89 1.91 37.23
N THR A 392 -11.52 2.16 38.49
CA THR A 392 -10.67 3.30 38.86
C THR A 392 -9.18 3.05 38.69
N PHE A 393 -8.79 1.78 38.48
CA PHE A 393 -7.37 1.43 38.34
C PHE A 393 -7.20 0.30 37.32
N VAL B 2 38.06 -1.33 -50.51
CA VAL B 2 37.44 -0.36 -51.43
C VAL B 2 36.16 0.27 -50.92
N LEU B 3 35.71 1.31 -51.64
CA LEU B 3 34.47 2.02 -51.38
C LEU B 3 33.37 1.27 -52.12
N LYS B 4 32.41 0.75 -51.35
CA LYS B 4 31.24 0.02 -51.81
C LYS B 4 29.98 0.91 -51.71
N GLY B 5 29.20 0.93 -52.78
CA GLY B 5 27.92 1.62 -52.83
C GLY B 5 26.84 0.60 -52.52
N ILE B 6 25.83 0.98 -51.71
CA ILE B 6 24.75 0.08 -51.32
C ILE B 6 23.48 0.38 -52.14
N ASN B 7 23.22 1.65 -52.39
CA ASN B 7 21.99 2.16 -53.00
C ASN B 7 22.17 2.61 -54.45
N PHE B 8 23.37 2.43 -55.03
CA PHE B 8 23.76 2.96 -56.35
C PHE B 8 23.24 2.20 -57.57
N ASP B 9 23.23 2.88 -58.77
CA ASP B 9 22.74 2.36 -60.06
C ASP B 9 23.03 0.89 -60.35
N ARG B 10 24.30 0.45 -60.17
CA ARG B 10 24.74 -0.94 -60.39
C ARG B 10 24.67 -1.83 -59.17
N SER B 11 24.17 -1.32 -58.03
CA SER B 11 24.14 -2.13 -56.82
C SER B 11 22.95 -3.10 -56.85
N ILE B 12 23.08 -4.22 -56.12
CA ILE B 12 21.97 -5.15 -55.92
C ILE B 12 21.49 -4.93 -54.50
N VAL B 13 20.25 -4.46 -54.31
CA VAL B 13 19.71 -4.23 -52.96
C VAL B 13 19.27 -5.57 -52.37
N THR B 14 19.91 -5.94 -51.27
CA THR B 14 19.74 -7.24 -50.61
C THR B 14 18.68 -7.24 -49.48
N PRO B 15 18.33 -8.44 -48.92
CA PRO B 15 17.41 -8.47 -47.76
C PRO B 15 17.98 -7.78 -46.52
N GLU B 16 19.28 -8.04 -46.18
CA GLU B 16 19.99 -7.45 -45.04
C GLU B 16 19.97 -5.93 -45.15
N ASN B 17 20.14 -5.41 -46.38
CA ASN B 17 20.09 -3.98 -46.68
C ASN B 17 18.76 -3.36 -46.31
N GLU B 18 17.65 -3.86 -46.87
CA GLU B 18 16.34 -3.28 -46.54
C GLU B 18 15.83 -3.43 -45.10
N ALA B 19 16.41 -4.40 -44.36
CA ALA B 19 16.17 -4.69 -42.96
C ALA B 19 16.90 -3.61 -42.18
N SER B 20 18.15 -3.31 -42.57
CA SER B 20 18.95 -2.27 -41.94
C SER B 20 18.26 -0.90 -42.10
N ILE B 21 17.59 -0.67 -43.25
CA ILE B 21 16.86 0.58 -43.55
C ILE B 21 15.62 0.70 -42.68
N LEU B 22 14.82 -0.38 -42.58
CA LEU B 22 13.59 -0.47 -41.77
C LEU B 22 13.94 -0.35 -40.29
N ASP B 23 15.10 -0.89 -39.86
CA ASP B 23 15.53 -0.78 -38.47
C ASP B 23 15.83 0.66 -38.10
N LEU B 24 16.47 1.38 -39.01
CA LEU B 24 16.78 2.79 -38.88
C LEU B 24 15.47 3.59 -38.77
N ALA B 25 14.50 3.27 -39.64
CA ALA B 25 13.20 3.90 -39.66
C ALA B 25 12.41 3.62 -38.38
N MET B 26 12.70 2.46 -37.71
CA MET B 26 12.14 2.02 -36.43
C MET B 26 12.90 2.62 -35.21
N GLN B 27 13.90 3.47 -35.45
CA GLN B 27 14.75 4.08 -34.41
C GLN B 27 15.50 2.99 -33.62
N ASN B 28 15.86 1.91 -34.31
CA ASN B 28 16.56 0.72 -33.79
C ASN B 28 15.79 0.02 -32.69
N ARG B 29 14.45 0.12 -32.69
CA ARG B 29 13.59 -0.53 -31.71
C ARG B 29 12.91 -1.69 -32.45
N SER B 30 12.68 -2.79 -31.74
CA SER B 30 12.01 -3.97 -32.28
C SER B 30 10.77 -4.08 -31.46
N GLY B 31 9.75 -4.70 -32.02
CA GLY B 31 8.49 -4.87 -31.30
C GLY B 31 7.32 -5.18 -32.20
N VAL B 32 6.23 -5.60 -31.58
CA VAL B 32 4.96 -5.89 -32.25
C VAL B 32 4.27 -4.57 -32.64
N LEU B 33 4.04 -4.38 -33.98
CA LEU B 33 3.38 -3.20 -34.50
C LEU B 33 1.87 -3.23 -34.34
N ASP B 34 1.27 -4.43 -34.37
CA ASP B 34 -0.17 -4.66 -34.19
C ASP B 34 -0.42 -6.14 -33.93
N GLY B 35 -1.53 -6.43 -33.25
CA GLY B 35 -1.96 -7.79 -32.96
C GLY B 35 -0.98 -8.60 -32.13
N MET B 36 -0.87 -9.90 -32.48
CA MET B 36 0.01 -10.87 -31.83
C MET B 36 -0.22 -11.02 -30.32
N THR B 37 -1.48 -10.80 -29.89
CA THR B 37 -1.88 -10.98 -28.49
C THR B 37 -2.44 -12.38 -28.37
N ILE B 38 -2.49 -12.90 -27.14
CA ILE B 38 -2.95 -14.26 -26.82
C ILE B 38 -4.44 -14.48 -27.17
N ASP B 39 -4.76 -15.70 -27.65
CA ASP B 39 -6.10 -16.14 -28.04
C ASP B 39 -6.46 -17.32 -27.12
N ILE B 40 -7.01 -16.99 -25.93
CA ILE B 40 -7.38 -17.95 -24.90
C ILE B 40 -8.45 -18.96 -25.36
N LEU B 41 -9.39 -18.50 -26.22
CA LEU B 41 -10.45 -19.34 -26.79
C LEU B 41 -9.90 -20.55 -27.55
N ASN B 42 -8.80 -20.35 -28.33
CA ASN B 42 -8.15 -21.41 -29.09
C ASN B 42 -6.93 -21.99 -28.35
N THR B 43 -6.82 -21.72 -27.05
CA THR B 43 -5.71 -22.21 -26.22
C THR B 43 -6.17 -23.43 -25.42
N THR B 44 -5.40 -24.53 -25.49
CA THR B 44 -5.68 -25.80 -24.79
C THR B 44 -4.54 -26.10 -23.79
N SER B 45 -4.39 -27.39 -23.42
CA SER B 45 -3.35 -27.87 -22.51
C SER B 45 -2.16 -28.47 -23.31
N ASN B 46 -2.29 -28.48 -24.65
CA ASN B 46 -1.30 -28.98 -25.61
C ASN B 46 -0.90 -27.88 -26.60
N GLN B 47 -1.72 -26.82 -26.71
CA GLN B 47 -1.47 -25.73 -27.65
C GLN B 47 -1.77 -24.33 -27.09
N LEU B 48 -0.96 -23.33 -27.51
CA LEU B 48 -1.11 -21.92 -27.18
C LEU B 48 -1.41 -21.20 -28.49
N ALA B 49 -2.47 -20.38 -28.50
CA ALA B 49 -2.87 -19.63 -29.67
C ALA B 49 -2.63 -18.15 -29.52
N LEU B 50 -2.29 -17.49 -30.63
CA LEU B 50 -2.02 -16.08 -30.73
C LEU B 50 -2.81 -15.51 -31.90
N PHE B 51 -3.26 -14.26 -31.81
CA PHE B 51 -3.98 -13.59 -32.89
C PHE B 51 -3.01 -13.10 -33.96
N HIS B 52 -3.51 -12.86 -35.18
CA HIS B 52 -2.76 -12.34 -36.32
C HIS B 52 -2.16 -10.99 -35.96
N GLY B 53 -1.05 -10.64 -36.60
CA GLY B 53 -0.39 -9.38 -36.36
C GLY B 53 0.88 -9.18 -37.16
N THR B 54 1.57 -8.08 -36.88
CA THR B 54 2.81 -7.71 -37.54
C THR B 54 3.83 -7.27 -36.48
N ALA B 55 5.10 -7.68 -36.64
CA ALA B 55 6.20 -7.28 -35.77
C ALA B 55 7.42 -6.97 -36.62
N VAL B 56 8.34 -6.18 -36.09
CA VAL B 56 9.60 -5.84 -36.73
C VAL B 56 10.70 -6.19 -35.73
N LEU B 57 11.56 -7.12 -36.10
CA LEU B 57 12.66 -7.58 -35.27
C LEU B 57 13.96 -7.26 -35.99
N GLN B 58 14.67 -6.24 -35.51
CA GLN B 58 15.92 -5.72 -36.09
C GLN B 58 15.86 -5.45 -37.61
N GLY B 59 14.74 -4.89 -38.03
CA GLY B 59 14.48 -4.52 -39.40
C GLY B 59 13.80 -5.58 -40.22
N TYR B 60 13.61 -6.77 -39.65
CA TYR B 60 12.94 -7.85 -40.35
C TYR B 60 11.48 -7.86 -39.99
N GLY B 61 10.64 -7.75 -41.00
CA GLY B 61 9.18 -7.76 -40.87
C GLY B 61 8.65 -9.17 -40.72
N ILE B 62 7.94 -9.45 -39.61
CA ILE B 62 7.33 -10.75 -39.31
C ILE B 62 5.81 -10.58 -39.24
N GLU B 63 5.08 -11.51 -39.83
CA GLU B 63 3.62 -11.47 -39.88
C GLU B 63 3.01 -12.79 -39.49
N ILE B 64 1.94 -12.73 -38.71
CA ILE B 64 1.13 -13.91 -38.39
C ILE B 64 -0.10 -13.64 -39.23
N THR B 65 -0.37 -14.50 -40.20
CA THR B 65 -1.47 -14.33 -41.11
C THR B 65 -2.81 -14.77 -40.55
N ARG B 66 -3.90 -14.03 -40.89
CA ARG B 66 -5.26 -14.39 -40.51
C ARG B 66 -5.82 -15.33 -41.60
N ALA B 67 -6.81 -16.17 -41.24
CA ALA B 67 -7.55 -17.08 -42.15
C ALA B 67 -8.78 -17.70 -41.44
N ALA B 68 -9.84 -18.08 -42.23
CA ALA B 68 -11.10 -18.71 -41.79
C ALA B 68 -11.77 -18.08 -40.54
N ALA B 71 -9.73 -17.92 -37.61
CA ALA B 71 -8.92 -18.27 -36.46
C ALA B 71 -8.91 -19.82 -36.23
N PRO B 72 -7.91 -20.43 -35.54
CA PRO B 72 -6.72 -19.83 -34.90
C PRO B 72 -5.66 -19.43 -35.92
N ASP B 73 -5.23 -18.16 -35.82
CA ASP B 73 -4.23 -17.56 -36.69
C ASP B 73 -2.86 -18.23 -36.62
N VAL B 74 -2.50 -18.80 -35.43
CA VAL B 74 -1.26 -19.55 -35.21
C VAL B 74 -1.37 -20.38 -33.93
N LEU B 75 -0.66 -21.51 -33.88
CA LEU B 75 -0.67 -22.43 -32.76
C LEU B 75 0.75 -22.76 -32.36
N VAL B 76 1.03 -22.73 -31.05
CA VAL B 76 2.37 -23.02 -30.52
C VAL B 76 2.23 -24.27 -29.65
N ASP B 77 3.06 -25.28 -29.93
CA ASP B 77 3.05 -26.56 -29.21
C ASP B 77 3.57 -26.40 -27.78
N THR B 78 2.70 -26.68 -26.79
CA THR B 78 3.00 -26.59 -25.35
C THR B 78 3.24 -27.97 -24.67
N THR B 79 3.28 -29.06 -25.47
CA THR B 79 3.51 -30.43 -24.99
C THR B 79 4.93 -30.55 -24.42
N GLY B 80 5.03 -31.06 -23.19
CA GLY B 80 6.30 -31.21 -22.49
C GLY B 80 6.57 -30.10 -21.49
N GLN B 81 5.81 -28.97 -21.61
CA GLN B 81 5.92 -27.79 -20.71
C GLN B 81 4.94 -27.90 -19.54
N SER B 82 5.48 -28.06 -18.32
CA SER B 82 4.71 -28.20 -17.08
C SER B 82 5.48 -27.69 -15.85
N ASN B 83 4.74 -27.04 -14.91
CA ASN B 83 5.22 -26.51 -13.62
C ASN B 83 6.44 -25.59 -13.76
N GLU B 84 6.44 -24.78 -14.83
CA GLU B 84 7.50 -23.87 -15.22
C GLU B 84 6.90 -22.53 -15.61
N THR B 85 7.74 -21.49 -15.53
CA THR B 85 7.45 -20.15 -15.99
C THR B 85 8.40 -19.98 -17.16
N MET B 86 7.84 -19.87 -18.36
CA MET B 86 8.61 -19.71 -19.58
C MET B 86 8.29 -18.36 -20.26
N LEU B 87 9.14 -17.95 -21.22
CA LEU B 87 8.90 -16.77 -22.01
C LEU B 87 8.49 -17.22 -23.44
N LEU B 88 7.29 -16.79 -23.91
CA LEU B 88 6.88 -17.06 -25.29
C LEU B 88 7.59 -16.00 -26.18
N CYS B 89 8.61 -16.43 -26.92
CA CYS B 89 9.42 -15.57 -27.77
C CYS B 89 9.20 -15.80 -29.26
N LEU B 90 9.47 -14.74 -30.05
CA LEU B 90 9.47 -14.68 -31.51
C LEU B 90 10.97 -14.54 -31.87
N THR B 91 11.52 -15.56 -32.53
CA THR B 91 12.95 -15.66 -32.81
C THR B 91 13.27 -15.68 -34.29
N ILE B 92 14.33 -14.97 -34.66
CA ILE B 92 14.91 -15.00 -35.99
C ILE B 92 16.21 -15.79 -35.83
N ASP B 93 16.37 -16.84 -36.64
CA ASP B 93 17.55 -17.69 -36.64
C ASP B 93 18.10 -17.72 -38.07
N LEU B 94 19.14 -16.93 -38.34
CA LEU B 94 19.71 -16.85 -39.70
C LEU B 94 20.53 -18.07 -40.14
N ASN B 95 20.67 -19.08 -39.25
CA ASN B 95 21.39 -20.32 -39.52
C ASN B 95 20.47 -21.28 -40.27
N GLN B 96 19.15 -21.11 -40.09
CA GLN B 96 18.13 -21.92 -40.75
C GLN B 96 18.01 -21.51 -42.22
N VAL B 97 17.35 -22.35 -43.02
CA VAL B 97 17.16 -22.11 -44.46
C VAL B 97 15.68 -21.99 -44.77
N ASN B 98 15.27 -20.87 -45.39
CA ASN B 98 13.90 -20.63 -45.82
C ASN B 98 13.66 -21.42 -47.12
N VAL B 99 12.65 -22.30 -47.10
CA VAL B 99 12.33 -23.20 -48.22
C VAL B 99 11.24 -22.70 -49.15
N PRO B 100 11.60 -22.24 -50.37
CA PRO B 100 10.57 -21.78 -51.32
C PRO B 100 10.01 -22.94 -52.15
N SER B 101 8.80 -22.75 -52.67
CA SER B 101 8.12 -23.75 -53.49
C SER B 101 7.19 -23.08 -54.51
N GLY B 102 6.96 -23.76 -55.63
CA GLY B 102 6.08 -23.26 -56.70
C GLY B 102 6.82 -22.24 -57.54
N THR B 103 6.09 -21.39 -58.27
CA THR B 103 6.77 -20.40 -59.11
C THR B 103 6.04 -19.08 -59.32
N VAL B 104 6.82 -18.02 -59.53
CA VAL B 104 6.42 -16.67 -59.87
C VAL B 104 6.41 -16.77 -61.41
N GLY B 105 5.23 -16.99 -61.95
CA GLY B 105 4.99 -17.23 -63.36
C GLY B 105 3.65 -17.90 -63.43
N THR B 106 3.50 -18.88 -62.54
CA THR B 106 2.24 -19.47 -62.15
C THR B 106 1.93 -18.61 -60.91
N ASN B 107 0.85 -18.88 -60.24
CA ASN B 107 0.60 -18.09 -59.05
C ASN B 107 0.67 -19.08 -57.88
N THR B 108 1.89 -19.67 -57.69
CA THR B 108 2.17 -20.72 -56.70
C THR B 108 3.41 -20.51 -55.81
N TYR B 109 4.01 -19.31 -55.79
CA TYR B 109 5.19 -19.08 -54.97
C TYR B 109 4.84 -18.96 -53.49
N ALA B 110 5.51 -19.78 -52.65
CA ALA B 110 5.34 -19.84 -51.20
C ALA B 110 6.67 -20.13 -50.55
N VAL B 111 6.86 -19.67 -49.30
CA VAL B 111 8.09 -19.89 -48.56
C VAL B 111 7.77 -20.40 -47.17
N ASP B 112 8.49 -21.44 -46.72
CA ASP B 112 8.42 -21.97 -45.38
C ASP B 112 9.59 -21.25 -44.66
N TYR B 113 9.26 -20.23 -43.83
CA TYR B 113 10.26 -19.40 -43.16
C TYR B 113 10.78 -20.07 -41.90
N LYS B 114 11.74 -20.98 -42.08
CA LYS B 114 12.37 -21.73 -41.00
C LYS B 114 13.29 -20.79 -40.20
N GLN B 115 13.56 -19.57 -40.71
CA GLN B 115 14.36 -18.55 -40.02
C GLN B 115 13.51 -17.81 -38.96
N ILE B 116 12.19 -18.12 -38.90
CA ILE B 116 11.27 -17.52 -37.91
C ILE B 116 10.66 -18.61 -37.06
N ARG B 117 10.67 -18.42 -35.72
CA ARG B 117 10.14 -19.37 -34.74
C ARG B 117 9.31 -18.68 -33.66
N LEU B 118 8.26 -19.34 -33.18
CA LEU B 118 7.50 -18.95 -31.99
C LEU B 118 7.87 -20.08 -31.06
N GLU B 119 8.56 -19.76 -29.96
CA GLU B 119 9.07 -20.76 -29.02
C GLU B 119 9.00 -20.31 -27.55
N PHE B 120 9.34 -21.25 -26.64
CA PHE B 120 9.39 -21.03 -25.20
C PHE B 120 10.82 -21.12 -24.76
N LEU B 121 11.29 -20.06 -24.10
CA LEU B 121 12.66 -19.95 -23.61
C LEU B 121 12.61 -19.63 -22.13
N ASP B 122 13.65 -20.05 -21.42
CA ASP B 122 13.78 -19.71 -20.00
C ASP B 122 14.42 -18.30 -19.98
N VAL B 123 14.32 -17.56 -18.86
CA VAL B 123 14.89 -16.20 -18.75
C VAL B 123 16.39 -16.13 -19.13
N PRO B 124 17.30 -17.03 -18.64
CA PRO B 124 18.72 -16.90 -19.04
C PRO B 124 19.01 -17.05 -20.52
N THR B 125 18.22 -17.90 -21.21
CA THR B 125 18.37 -18.18 -22.66
C THR B 125 17.96 -16.96 -23.48
N LEU B 126 16.79 -16.37 -23.16
CA LEU B 126 16.28 -15.15 -23.79
C LEU B 126 17.29 -13.99 -23.66
N LEU B 127 17.78 -13.75 -22.42
CA LEU B 127 18.73 -12.67 -22.15
C LEU B 127 19.98 -12.77 -23.01
N LYS B 128 20.47 -14.01 -23.26
CA LYS B 128 21.66 -14.26 -24.07
C LYS B 128 21.43 -13.99 -25.56
N GLN B 129 20.15 -13.90 -26.00
CA GLN B 129 19.78 -13.60 -27.39
C GLN B 129 18.66 -12.52 -27.55
N TYR B 130 18.50 -11.67 -26.52
CA TYR B 130 17.54 -10.56 -26.47
C TYR B 130 18.01 -9.43 -27.39
N TRP B 131 17.10 -8.93 -28.28
CA TRP B 131 17.38 -7.84 -29.21
C TRP B 131 17.86 -6.53 -28.55
N ARG B 132 17.42 -6.27 -27.30
CA ARG B 132 17.81 -5.07 -26.58
C ARG B 132 19.28 -5.07 -26.18
N ASP B 133 19.89 -6.27 -26.10
CA ASP B 133 21.26 -6.47 -25.69
C ASP B 133 22.19 -7.04 -26.73
N HIS B 134 21.64 -7.66 -27.79
CA HIS B 134 22.46 -8.26 -28.86
C HIS B 134 21.84 -7.97 -30.21
N SER B 135 22.66 -7.96 -31.27
CA SER B 135 22.17 -7.63 -32.61
C SER B 135 22.70 -8.53 -33.72
N LEU B 136 21.87 -8.79 -34.74
CA LEU B 136 22.25 -9.52 -35.96
C LEU B 136 23.21 -8.61 -36.74
N HIS B 137 22.96 -7.26 -36.68
CA HIS B 137 23.69 -6.18 -37.35
C HIS B 137 24.92 -5.66 -36.56
N ASP B 138 25.17 -6.19 -35.34
CA ASP B 138 26.24 -5.75 -34.43
C ASP B 138 27.64 -5.72 -35.06
N LEU B 139 28.40 -4.64 -34.75
CA LEU B 139 29.76 -4.40 -35.25
C LEU B 139 30.81 -5.34 -34.63
N ILE B 140 30.83 -5.44 -33.28
CA ILE B 140 31.79 -6.24 -32.52
C ILE B 140 31.40 -7.73 -32.38
N ASP B 141 30.17 -8.01 -31.95
CA ASP B 141 29.66 -9.38 -31.75
C ASP B 141 28.38 -9.64 -32.60
N PRO B 142 28.47 -9.76 -33.94
CA PRO B 142 27.25 -9.99 -34.71
C PRO B 142 26.71 -11.37 -34.41
N ARG B 143 25.40 -11.44 -34.22
CA ARG B 143 24.69 -12.66 -33.87
C ARG B 143 23.94 -13.20 -35.10
N ARG B 144 23.55 -14.49 -35.05
CA ARG B 144 22.81 -15.14 -36.10
C ARG B 144 21.41 -15.47 -35.58
N VAL B 145 21.25 -15.47 -34.25
CA VAL B 145 19.97 -15.74 -33.59
C VAL B 145 19.59 -14.66 -32.58
N ILE B 146 18.39 -14.07 -32.77
CA ILE B 146 17.88 -12.99 -31.94
C ILE B 146 16.40 -13.19 -31.61
N SER B 147 15.97 -12.82 -30.40
CA SER B 147 14.59 -13.03 -29.96
C SER B 147 13.94 -11.81 -29.32
N MET B 148 12.59 -11.79 -29.34
CA MET B 148 11.78 -10.79 -28.68
C MET B 148 10.75 -11.47 -27.82
N PRO B 149 10.80 -11.28 -26.47
CA PRO B 149 9.80 -11.90 -25.60
C PRO B 149 8.46 -11.21 -25.76
N LEU B 150 7.38 -11.99 -25.81
CA LEU B 150 6.01 -11.49 -25.98
C LEU B 150 5.18 -11.68 -24.71
N TYR B 151 5.32 -12.84 -24.06
CA TYR B 151 4.52 -13.19 -22.88
C TYR B 151 5.28 -14.00 -21.86
N TRP B 152 4.95 -13.76 -20.60
CA TRP B 152 5.39 -14.58 -19.47
C TRP B 152 4.29 -15.66 -19.48
N ILE B 153 4.69 -16.92 -19.60
CA ILE B 153 3.71 -18.03 -19.64
C ILE B 153 3.99 -18.95 -18.47
N THR B 154 3.03 -19.10 -17.55
CA THR B 154 3.25 -19.99 -16.41
C THR B 154 2.41 -21.26 -16.56
N PHE B 155 3.09 -22.37 -16.85
CA PHE B 155 2.44 -23.68 -17.03
C PHE B 155 2.25 -24.35 -15.67
N GLY B 156 1.06 -24.93 -15.48
CA GLY B 156 0.70 -25.67 -14.28
C GLY B 156 1.00 -27.15 -14.42
N GLN B 157 0.09 -28.00 -13.88
CA GLN B 157 0.19 -29.46 -13.95
C GLN B 157 -0.34 -29.96 -15.31
N THR B 158 0.17 -31.11 -15.79
CA THR B 158 -0.21 -31.69 -17.08
C THR B 158 -1.75 -31.81 -17.20
N GLY B 159 -2.32 -31.21 -18.24
CA GLY B 159 -3.76 -31.20 -18.48
C GLY B 159 -4.47 -29.89 -18.20
N THR B 160 -3.71 -28.84 -17.82
CA THR B 160 -4.25 -27.51 -17.54
C THR B 160 -3.82 -26.46 -18.59
N THR B 161 -4.61 -25.37 -18.75
CA THR B 161 -4.31 -24.25 -19.63
C THR B 161 -3.38 -23.28 -18.84
N PRO B 162 -2.37 -22.62 -19.44
CA PRO B 162 -1.46 -21.81 -18.62
C PRO B 162 -1.97 -20.43 -18.26
N LEU B 163 -1.24 -19.74 -17.36
CA LEU B 163 -1.46 -18.35 -16.96
C LEU B 163 -0.51 -17.49 -17.79
N TYR B 164 -0.97 -16.30 -18.18
CA TYR B 164 -0.17 -15.42 -19.03
C TYR B 164 -0.08 -13.96 -18.59
N GLU B 165 1.03 -13.30 -18.97
CA GLU B 165 1.26 -11.89 -18.71
C GLU B 165 1.99 -11.27 -19.92
N GLN B 166 1.34 -10.30 -20.57
CA GLN B 166 1.90 -9.57 -21.71
C GLN B 166 3.16 -8.76 -21.32
N ILE B 167 4.22 -8.83 -22.17
CA ILE B 167 5.47 -8.10 -21.99
C ILE B 167 5.28 -6.86 -22.85
N LYS B 168 4.59 -5.90 -22.27
CA LYS B 168 4.22 -4.66 -22.93
C LYS B 168 5.37 -3.84 -23.47
N SER B 169 6.57 -3.94 -22.88
CA SER B 169 7.75 -3.24 -23.39
C SER B 169 8.08 -3.67 -24.83
N ASN B 170 7.66 -4.89 -25.24
CA ASN B 170 7.90 -5.43 -26.58
C ASN B 170 6.73 -5.24 -27.56
N TYR B 171 5.74 -4.44 -27.15
CA TYR B 171 4.58 -4.09 -27.97
C TYR B 171 4.57 -2.57 -28.18
N ILE B 172 4.59 -2.14 -29.44
CA ILE B 172 4.51 -0.72 -29.78
C ILE B 172 3.00 -0.49 -29.95
N ASP B 173 2.32 -0.38 -28.80
CA ASP B 173 0.87 -0.26 -28.66
C ASP B 173 0.34 1.10 -29.08
N GLY B 174 0.81 2.13 -28.38
CA GLY B 174 0.42 3.52 -28.59
C GLY B 174 1.05 4.50 -27.61
N GLY B 175 1.11 5.75 -28.02
CA GLY B 175 1.73 6.82 -27.25
C GLY B 175 3.10 7.13 -27.82
N ASN B 176 3.76 6.07 -28.35
CA ASN B 176 5.10 6.13 -28.94
C ASN B 176 5.26 5.97 -30.48
N SER B 177 4.16 5.80 -31.26
CA SER B 177 4.22 5.74 -32.74
C SER B 177 4.89 7.05 -33.28
N GLY B 178 5.81 6.92 -34.22
CA GLY B 178 6.51 8.08 -34.74
C GLY B 178 7.87 8.26 -34.12
N ASN B 179 7.96 8.15 -32.78
CA ASN B 179 9.24 8.22 -32.07
C ASN B 179 9.31 7.01 -31.11
N PRO B 180 9.36 5.76 -31.64
CA PRO B 180 9.25 4.58 -30.76
C PRO B 180 10.28 4.37 -29.68
N ALA B 181 11.50 4.83 -29.89
CA ALA B 181 12.58 4.68 -28.92
C ALA B 181 12.66 5.84 -27.91
N TYR B 182 11.90 6.93 -28.14
CA TYR B 182 11.94 8.14 -27.29
C TYR B 182 10.56 8.47 -26.69
N GLY B 183 10.23 9.75 -26.57
CA GLY B 183 8.95 10.22 -26.03
C GLY B 183 8.86 10.12 -24.53
N ILE B 184 7.63 10.29 -23.99
CA ILE B 184 7.35 10.27 -22.55
C ILE B 184 7.67 8.91 -21.89
N ALA B 185 8.40 8.95 -20.74
CA ALA B 185 8.71 7.76 -19.96
C ALA B 185 7.68 7.63 -18.86
N ALA B 186 7.37 8.76 -18.17
CA ALA B 186 6.39 8.78 -17.08
C ALA B 186 5.79 10.20 -16.96
N ARG B 187 4.53 10.27 -16.55
CA ARG B 187 3.79 11.52 -16.37
C ARG B 187 2.64 11.26 -15.40
N CYS B 188 2.19 12.27 -14.70
CA CYS B 188 1.07 12.20 -13.77
C CYS B 188 0.27 13.49 -13.84
N GLU B 189 -0.94 13.45 -13.28
CA GLU B 189 -1.83 14.59 -13.14
C GLU B 189 -1.42 15.27 -11.81
N ASN B 190 -1.88 16.49 -11.58
CA ASN B 190 -1.61 17.22 -10.34
C ASN B 190 -2.12 16.47 -9.15
N PHE B 191 -1.34 16.46 -8.07
CA PHE B 191 -1.69 15.84 -6.79
C PHE B 191 -1.15 16.66 -5.61
N ASN B 192 -1.76 16.47 -4.42
CA ASN B 192 -1.36 17.08 -3.14
C ASN B 192 -0.76 16.00 -2.26
N HIS B 193 0.37 16.32 -1.60
CA HIS B 193 1.11 15.39 -0.77
C HIS B 193 1.64 16.09 0.46
N PHE B 194 1.32 15.52 1.64
CA PHE B 194 1.74 16.05 2.92
C PHE B 194 3.24 15.88 3.12
N ILE B 195 3.91 16.94 3.59
CA ILE B 195 5.34 16.92 3.85
C ILE B 195 5.56 16.39 5.28
N ASN B 196 6.24 15.24 5.38
CA ASN B 196 6.60 14.62 6.65
C ASN B 196 7.57 15.51 7.40
N LYS B 197 7.58 15.44 8.76
CA LYS B 197 8.43 16.27 9.60
C LYS B 197 9.82 15.65 9.75
N VAL B 198 10.56 15.58 8.63
CA VAL B 198 11.89 14.99 8.53
C VAL B 198 12.77 15.88 7.64
N ALA B 199 14.10 15.67 7.67
CA ALA B 199 15.04 16.45 6.88
C ALA B 199 15.01 16.12 5.40
N VAL B 200 14.95 14.82 5.05
CA VAL B 200 14.99 14.32 3.67
C VAL B 200 13.88 13.26 3.49
N GLN B 201 13.04 13.43 2.46
CA GLN B 201 11.96 12.51 2.13
C GLN B 201 11.77 12.46 0.62
N SER B 202 11.29 11.33 0.11
CA SER B 202 11.01 11.23 -1.31
C SER B 202 9.58 11.70 -1.59
N ILE B 203 9.34 12.24 -2.79
CA ILE B 203 8.00 12.65 -3.21
C ILE B 203 7.42 11.45 -3.98
N PRO B 204 6.23 10.93 -3.62
CA PRO B 204 5.72 9.71 -4.31
C PRO B 204 5.23 9.98 -5.74
N ILE B 205 5.97 9.45 -6.71
CA ILE B 205 5.70 9.68 -8.14
C ILE B 205 5.01 8.48 -8.82
N ASN B 206 4.69 7.42 -8.05
CA ASN B 206 4.09 6.21 -8.63
C ASN B 206 2.59 6.01 -8.57
N GLY B 207 1.83 7.04 -8.20
CA GLY B 207 0.38 6.93 -8.24
C GLY B 207 -0.39 7.09 -6.95
N VAL B 208 0.29 7.05 -5.84
CA VAL B 208 -0.36 7.20 -4.53
C VAL B 208 0.33 8.35 -3.80
N ALA B 209 -0.45 9.28 -3.29
CA ALA B 209 0.06 10.42 -2.52
C ALA B 209 -0.62 10.45 -1.14
N ASN B 210 0.05 11.06 -0.14
CA ASN B 210 -0.54 11.20 1.17
C ASN B 210 -1.26 12.55 1.18
N ARG B 211 -2.48 12.53 0.68
CA ARG B 211 -3.31 13.71 0.48
C ARG B 211 -3.90 14.31 1.74
N PRO B 212 -3.65 15.62 2.01
CA PRO B 212 -4.29 16.28 3.16
C PRO B 212 -5.81 16.31 2.94
N VAL B 213 -6.59 15.68 3.83
CA VAL B 213 -8.07 15.58 3.74
C VAL B 213 -8.86 16.36 4.79
N SER B 214 -8.28 16.61 5.96
CA SER B 214 -8.94 17.35 7.04
C SER B 214 -7.90 18.20 7.77
N SER B 215 -8.35 18.95 8.79
CA SER B 215 -7.44 19.80 9.55
C SER B 215 -6.51 18.98 10.47
N THR B 216 -6.70 17.65 10.55
CA THR B 216 -5.94 16.74 11.41
C THR B 216 -5.39 15.52 10.70
N ALA B 217 -5.80 15.23 9.47
CA ALA B 217 -5.29 14.04 8.79
C ALA B 217 -5.11 14.15 7.29
N SER B 218 -4.22 13.29 6.82
CA SER B 218 -3.91 13.05 5.43
C SER B 218 -4.20 11.54 5.18
N GLN B 219 -4.60 11.19 3.98
CA GLN B 219 -4.82 9.80 3.64
C GLN B 219 -4.29 9.45 2.26
N LEU B 220 -3.71 8.25 2.14
CA LEU B 220 -3.16 7.70 0.91
C LEU B 220 -4.30 7.60 -0.10
N THR B 221 -4.15 8.36 -1.19
CA THR B 221 -5.12 8.53 -2.27
C THR B 221 -4.45 8.35 -3.63
N ASN B 222 -5.11 7.61 -4.51
CA ASN B 222 -4.57 7.40 -5.85
C ASN B 222 -4.72 8.68 -6.70
N TYR B 223 -3.80 8.86 -7.64
CA TYR B 223 -3.85 9.96 -8.63
C TYR B 223 -3.44 9.34 -9.98
N LYS B 224 -3.97 9.85 -11.08
CA LYS B 224 -3.68 9.33 -12.43
C LYS B 224 -2.20 9.48 -12.78
N VAL B 225 -1.55 8.37 -13.05
CA VAL B 225 -0.14 8.30 -13.46
C VAL B 225 -0.03 7.39 -14.71
N TRP B 226 0.99 7.59 -15.54
CA TRP B 226 1.21 6.77 -16.70
C TRP B 226 2.70 6.51 -16.87
N ARG B 227 3.06 5.25 -17.23
CA ARG B 227 4.43 4.82 -17.48
C ARG B 227 4.57 4.11 -18.82
N ASN B 228 5.65 4.41 -19.57
CA ASN B 228 5.97 3.75 -20.82
C ASN B 228 6.85 2.54 -20.41
N PRO B 229 6.35 1.29 -20.55
CA PRO B 229 7.10 0.11 -20.06
C PRO B 229 8.45 -0.15 -20.70
N TYR B 230 8.65 0.38 -21.89
CA TYR B 230 9.87 0.26 -22.63
C TYR B 230 10.98 1.09 -22.00
N LEU B 231 10.59 2.21 -21.33
CA LEU B 231 11.52 3.17 -20.75
C LEU B 231 11.66 3.10 -19.25
N CYS B 232 10.57 2.77 -18.53
CA CYS B 232 10.64 2.72 -17.06
C CYS B 232 9.55 1.85 -16.44
N SER B 233 9.74 1.51 -15.14
CA SER B 233 8.75 0.73 -14.39
C SER B 233 8.75 1.09 -12.91
N GLN B 234 7.64 0.77 -12.22
CA GLN B 234 7.53 1.01 -10.77
C GLN B 234 8.52 0.06 -10.05
N ASP B 235 9.23 0.53 -9.02
CA ASP B 235 10.18 -0.33 -8.29
C ASP B 235 9.51 -1.63 -7.81
N PRO B 236 10.11 -2.82 -8.11
CA PRO B 236 9.50 -4.07 -7.64
C PRO B 236 9.40 -4.17 -6.11
N ARG B 237 10.42 -3.67 -5.40
CA ARG B 237 10.53 -3.76 -3.92
C ARG B 237 9.55 -2.89 -3.21
N ASP B 238 8.75 -3.48 -2.31
CA ASP B 238 7.66 -2.78 -1.61
C ASP B 238 8.01 -1.52 -0.77
N LYS B 239 9.23 -1.45 -0.27
CA LYS B 239 9.74 -0.30 0.50
C LYS B 239 9.93 0.92 -0.41
N PHE B 240 10.30 0.70 -1.68
CA PHE B 240 10.57 1.75 -2.64
C PHE B 240 9.45 1.95 -3.66
N ALA B 241 8.49 1.01 -3.75
CA ALA B 241 7.37 1.05 -4.72
C ALA B 241 6.63 2.42 -4.84
N PRO B 242 6.34 3.17 -3.73
CA PRO B 242 5.62 4.44 -3.90
C PRO B 242 6.46 5.55 -4.55
N ASP B 243 7.79 5.51 -4.34
CA ASP B 243 8.71 6.57 -4.75
C ASP B 243 9.61 6.37 -5.93
N ASN B 244 10.17 5.17 -6.08
CA ASN B 244 11.18 4.91 -7.10
C ASN B 244 10.73 4.32 -8.39
N LEU B 245 11.31 4.83 -9.48
CA LEU B 245 11.14 4.33 -10.83
C LEU B 245 12.41 3.52 -11.13
N VAL B 246 12.23 2.50 -12.00
CA VAL B 246 13.36 1.70 -12.48
C VAL B 246 13.52 2.10 -13.92
N ILE B 247 14.72 2.57 -14.31
CA ILE B 247 15.03 2.98 -15.69
C ILE B 247 15.37 1.74 -16.52
N GLU B 248 14.62 1.50 -17.59
CA GLU B 248 14.77 0.35 -18.47
C GLU B 248 15.59 0.65 -19.70
N GLU B 249 15.97 1.94 -19.95
CA GLU B 249 16.69 2.35 -21.16
C GLU B 249 17.64 3.51 -20.88
N ASP B 250 18.92 3.36 -21.27
CA ASP B 250 19.92 4.41 -21.17
C ASP B 250 19.48 5.63 -21.97
N GLY B 251 19.97 6.80 -21.58
CA GLY B 251 19.71 8.02 -22.30
C GLY B 251 19.78 9.29 -21.52
N ILE B 252 19.63 10.38 -22.26
CA ILE B 252 19.52 11.73 -21.71
C ILE B 252 18.02 11.93 -21.58
N TYR B 253 17.58 12.15 -20.35
CA TYR B 253 16.17 12.36 -20.06
C TYR B 253 15.91 13.81 -19.65
N ARG B 254 14.68 14.26 -19.89
CA ARG B 254 14.25 15.57 -19.45
C ARG B 254 13.23 15.36 -18.34
N ILE B 255 13.44 16.03 -17.20
CA ILE B 255 12.54 16.02 -16.04
C ILE B 255 11.91 17.40 -15.91
N ASP B 256 10.57 17.45 -15.87
CA ASP B 256 9.81 18.69 -15.68
C ASP B 256 9.10 18.51 -14.37
N ILE B 257 9.17 19.50 -13.49
CA ILE B 257 8.38 19.50 -12.25
C ILE B 257 7.69 20.85 -12.08
N SER B 258 6.49 20.85 -11.46
CA SER B 258 5.76 22.06 -11.07
C SER B 258 4.80 21.76 -9.95
N GLY B 259 4.48 22.77 -9.21
CA GLY B 259 3.57 22.69 -8.08
C GLY B 259 3.81 23.86 -7.17
N SER B 260 3.43 23.70 -5.94
CA SER B 260 3.60 24.75 -4.95
C SER B 260 3.72 24.14 -3.56
N ILE B 261 4.32 24.91 -2.65
CA ILE B 261 4.43 24.55 -1.25
C ILE B 261 3.37 25.41 -0.54
N ASN B 262 2.36 24.72 -0.02
CA ASN B 262 1.24 25.33 0.70
C ASN B 262 1.47 25.20 2.22
N ILE B 263 1.00 26.20 2.98
CA ILE B 263 1.16 26.34 4.44
C ILE B 263 2.66 26.32 4.82
N ALA B 264 3.47 26.94 3.97
CA ALA B 264 4.91 27.07 4.11
C ALA B 264 5.26 27.87 5.35
N ASN B 265 6.20 27.36 6.16
CA ASN B 265 6.62 27.99 7.39
C ASN B 265 7.60 29.14 7.15
N TYR B 266 7.66 30.07 8.10
CA TYR B 266 8.57 31.21 8.11
C TYR B 266 8.59 31.85 9.49
N THR B 267 9.70 32.50 9.87
CA THR B 267 9.81 33.19 11.16
C THR B 267 8.95 34.45 11.10
N PHE B 268 7.95 34.50 11.98
CA PHE B 268 7.00 35.60 12.09
C PHE B 268 7.69 36.94 12.34
N PRO B 269 7.29 37.99 11.60
CA PRO B 269 7.88 39.31 11.82
C PRO B 269 7.50 39.84 13.19
N ALA B 270 8.50 40.02 14.04
CA ALA B 270 8.34 40.50 15.41
C ALA B 270 9.33 41.64 15.69
N SER B 271 9.13 42.39 16.80
CA SER B 271 10.00 43.52 17.18
C SER B 271 11.48 43.11 17.37
N GLY B 272 11.71 41.87 17.78
CA GLY B 272 13.04 41.30 17.98
C GLY B 272 13.84 41.12 16.70
N ASN B 273 13.16 40.83 15.57
CA ASN B 273 13.81 40.63 14.27
C ASN B 273 13.65 41.84 13.29
N SER B 274 13.23 43.01 13.82
CA SER B 274 12.99 44.27 13.11
C SER B 274 11.81 44.20 12.12
N TRP B 275 10.73 43.51 12.53
CA TRP B 275 9.49 43.27 11.76
C TRP B 275 9.79 42.75 10.34
N ARG B 276 10.52 41.62 10.28
CA ARG B 276 10.94 40.97 9.04
C ARG B 276 10.66 39.48 8.99
N VAL B 277 10.28 38.98 7.80
CA VAL B 277 10.02 37.56 7.56
C VAL B 277 11.33 36.79 7.52
N GLY B 278 11.42 35.78 8.34
CA GLY B 278 12.56 34.90 8.35
C GLY B 278 12.23 33.74 7.46
N GLY B 279 12.72 33.79 6.23
CA GLY B 279 12.51 32.74 5.23
C GLY B 279 13.22 31.48 5.65
N ARG B 280 12.71 30.33 5.18
CA ARG B 280 13.27 29.02 5.52
C ARG B 280 13.68 28.27 4.27
N TYR B 281 14.92 27.79 4.26
CA TYR B 281 15.47 27.08 3.11
C TYR B 281 14.85 25.71 2.91
N PHE B 282 14.60 25.38 1.65
CA PHE B 282 14.16 24.08 1.20
C PHE B 282 14.68 23.88 -0.21
N GLN B 283 14.78 22.63 -0.62
CA GLN B 283 15.17 22.27 -1.98
C GLN B 283 14.49 21.02 -2.47
N ILE B 284 14.16 21.02 -3.77
CA ILE B 284 13.63 19.84 -4.43
C ILE B 284 14.76 19.34 -5.33
N VAL B 285 15.10 18.06 -5.17
CA VAL B 285 16.17 17.44 -5.96
C VAL B 285 15.69 16.21 -6.74
N CYS B 286 16.31 15.92 -7.90
CA CYS B 286 16.04 14.65 -8.55
C CYS B 286 17.29 13.79 -8.29
N ALA B 287 17.10 12.48 -8.18
CA ALA B 287 18.18 11.57 -7.83
C ALA B 287 18.20 10.29 -8.65
N ARG B 288 19.38 9.70 -8.75
CA ARG B 288 19.62 8.41 -9.39
C ARG B 288 20.49 7.56 -8.47
N ASN B 289 20.24 6.26 -8.42
CA ASN B 289 20.96 5.32 -7.57
C ASN B 289 21.08 4.01 -8.33
N SER B 290 22.30 3.46 -8.43
CA SER B 290 22.59 2.23 -9.16
C SER B 290 23.24 1.16 -8.26
N SER B 291 23.12 1.32 -6.94
CA SER B 291 23.73 0.37 -6.01
C SER B 291 23.15 -1.04 -6.16
N ALA B 292 21.81 -1.13 -6.39
CA ALA B 292 21.11 -2.40 -6.58
C ALA B 292 21.15 -2.84 -8.06
N ASN B 293 21.67 -4.05 -8.32
CA ASN B 293 21.75 -4.57 -9.68
C ASN B 293 20.51 -5.41 -9.98
N ASN B 294 20.24 -5.73 -11.26
CA ASN B 294 19.13 -6.61 -11.66
C ASN B 294 17.72 -6.06 -11.40
N LEU B 295 17.56 -4.72 -11.33
CA LEU B 295 16.24 -4.12 -11.14
C LEU B 295 15.50 -4.05 -12.46
N ALA B 296 16.25 -4.02 -13.57
CA ALA B 296 15.69 -3.95 -14.91
C ALA B 296 14.85 -5.21 -15.31
N GLU B 297 13.93 -5.07 -16.28
CA GLU B 297 13.06 -6.18 -16.74
C GLU B 297 13.84 -7.47 -16.95
N PHE B 298 13.29 -8.61 -16.49
CA PHE B 298 13.93 -9.94 -16.54
C PHE B 298 15.18 -10.06 -15.63
N GLY B 299 15.38 -9.06 -14.74
CA GLY B 299 16.53 -9.00 -13.86
C GLY B 299 17.85 -8.84 -14.61
N ALA B 300 17.79 -8.24 -15.81
CA ALA B 300 18.95 -8.01 -16.66
C ALA B 300 20.03 -7.16 -15.96
N GLU B 301 21.29 -7.41 -16.33
CA GLU B 301 22.45 -6.68 -15.83
C GLU B 301 22.31 -5.19 -16.16
N GLN B 302 22.50 -4.35 -15.14
CA GLN B 302 22.44 -2.91 -15.28
C GLN B 302 23.55 -2.37 -16.19
N HIS B 303 23.32 -1.21 -16.81
CA HIS B 303 24.38 -0.62 -17.61
C HIS B 303 25.15 0.27 -16.65
N LEU B 304 26.44 0.03 -16.51
CA LEU B 304 27.30 0.78 -15.59
C LEU B 304 27.56 2.20 -16.06
N PRO B 305 27.30 3.19 -15.17
CA PRO B 305 27.48 4.59 -15.56
C PRO B 305 28.95 4.98 -15.62
N PRO B 306 29.34 6.01 -16.39
CA PRO B 306 30.77 6.38 -16.43
C PRO B 306 31.26 6.89 -15.09
N SER B 307 32.59 6.89 -14.90
CA SER B 307 33.22 7.36 -13.67
C SER B 307 32.90 8.84 -13.45
N GLY B 308 32.52 9.19 -12.20
CA GLY B 308 32.17 10.54 -11.80
C GLY B 308 30.73 10.95 -12.05
N VAL B 309 29.84 10.01 -12.43
CA VAL B 309 28.41 10.25 -12.69
C VAL B 309 27.70 10.96 -11.49
N TRP B 310 26.77 11.86 -11.81
CA TRP B 310 25.95 12.54 -10.81
C TRP B 310 25.04 11.51 -10.06
N THR B 311 24.59 11.88 -8.86
CA THR B 311 23.63 11.09 -8.10
C THR B 311 22.52 12.00 -7.61
N ARG B 312 22.82 13.28 -7.34
CA ARG B 312 21.80 14.22 -6.85
C ARG B 312 21.92 15.52 -7.58
N ARG B 313 20.77 16.10 -7.95
CA ARG B 313 20.77 17.35 -8.69
C ARG B 313 19.65 18.25 -8.20
N VAL B 314 19.99 19.48 -7.87
CA VAL B 314 19.02 20.47 -7.36
C VAL B 314 18.16 21.02 -8.48
N LEU B 315 16.85 20.80 -8.39
CA LEU B 315 15.90 21.32 -9.35
C LEU B 315 15.34 22.71 -8.90
N VAL B 316 15.07 22.85 -7.58
CA VAL B 316 14.55 24.12 -6.98
C VAL B 316 15.24 24.27 -5.64
N GLY B 317 15.94 25.39 -5.46
CA GLY B 317 16.60 25.70 -4.20
C GLY B 317 16.28 27.14 -3.85
N GLU B 318 15.53 27.36 -2.76
CA GLU B 318 15.16 28.69 -2.31
C GLU B 318 14.62 28.73 -0.89
N TYR B 319 14.31 29.95 -0.39
CA TYR B 319 13.72 30.20 0.92
C TYR B 319 12.19 30.42 0.80
N THR B 320 11.45 30.12 1.88
CA THR B 320 10.00 30.43 1.93
C THR B 320 9.90 31.95 1.97
N ALA B 321 8.86 32.54 1.38
CA ALA B 321 8.79 33.99 1.27
C ALA B 321 7.86 34.75 2.17
N GLY B 322 7.21 34.07 3.11
CA GLY B 322 6.25 34.73 3.99
C GLY B 322 4.82 34.62 3.48
N MET B 323 4.63 33.92 2.38
CA MET B 323 3.31 33.71 1.81
C MET B 323 2.76 32.34 2.22
N THR B 324 1.44 32.16 2.14
CA THR B 324 0.80 30.89 2.50
C THR B 324 1.18 29.85 1.45
N GLU B 325 1.13 30.27 0.17
CA GLU B 325 1.46 29.38 -0.94
C GLU B 325 2.39 30.07 -1.92
N GLN B 326 3.45 29.35 -2.29
CA GLN B 326 4.53 29.77 -3.18
C GLN B 326 4.72 28.68 -4.31
N ALA B 327 4.57 29.09 -5.59
CA ALA B 327 4.73 28.17 -6.73
C ALA B 327 6.20 28.00 -7.20
N PHE B 328 6.48 26.87 -7.80
CA PHE B 328 7.81 26.55 -8.30
C PHE B 328 7.67 25.75 -9.58
N SER B 329 8.72 25.81 -10.37
CA SER B 329 8.83 25.10 -11.65
C SER B 329 10.28 24.84 -11.95
N SER B 330 10.57 23.69 -12.59
CA SER B 330 11.93 23.36 -12.98
C SER B 330 11.95 22.44 -14.15
N VAL B 331 12.94 22.59 -15.02
CA VAL B 331 13.12 21.72 -16.18
C VAL B 331 14.60 21.43 -16.26
N ALA B 332 15.00 20.14 -16.25
CA ALA B 332 16.41 19.74 -16.38
C ALA B 332 16.59 18.53 -17.31
N THR B 333 17.76 18.42 -17.95
CA THR B 333 18.16 17.24 -18.70
C THR B 333 19.19 16.49 -17.83
N ILE B 334 19.00 15.20 -17.66
CA ILE B 334 19.84 14.35 -16.82
C ILE B 334 20.20 13.07 -17.55
N SER B 335 21.30 12.43 -17.18
CA SER B 335 21.71 11.14 -17.73
C SER B 335 21.14 10.05 -16.83
N LEU B 336 20.58 8.98 -17.42
CA LEU B 336 20.02 7.83 -16.69
C LEU B 336 20.42 6.56 -17.41
N PHE B 337 20.67 5.50 -16.61
CA PHE B 337 21.17 4.20 -17.08
C PHE B 337 20.23 3.04 -16.79
N LYS B 338 20.17 2.03 -17.71
CA LYS B 338 19.33 0.85 -17.53
C LYS B 338 19.71 0.21 -16.18
N GLY B 339 18.70 0.01 -15.33
CA GLY B 339 18.87 -0.55 -14.01
C GLY B 339 18.85 0.45 -12.87
N ASP B 340 19.04 1.77 -13.21
CA ASP B 340 18.98 2.85 -12.22
C ASP B 340 17.65 2.95 -11.57
N ASN B 341 17.68 3.45 -10.35
CA ASN B 341 16.53 3.93 -9.61
C ASN B 341 16.52 5.44 -9.82
N PHE B 342 15.34 6.00 -10.11
CA PHE B 342 15.14 7.44 -10.29
C PHE B 342 14.06 7.85 -9.33
N PHE B 343 14.27 8.97 -8.60
CA PHE B 343 13.30 9.47 -7.61
C PHE B 343 13.46 10.99 -7.34
N LEU B 344 12.48 11.61 -6.65
CA LEU B 344 12.47 13.03 -6.32
C LEU B 344 12.47 13.21 -4.83
N GLN B 345 13.27 14.15 -4.31
CA GLN B 345 13.31 14.35 -2.85
C GLN B 345 12.98 15.79 -2.48
N PHE B 346 12.46 15.97 -1.25
CA PHE B 346 12.14 17.25 -0.64
C PHE B 346 13.05 17.38 0.60
N GLU B 347 13.85 18.43 0.63
CA GLU B 347 14.86 18.61 1.65
C GLU B 347 14.74 19.96 2.32
N THR B 348 14.68 19.95 3.66
CA THR B 348 14.59 21.16 4.55
C THR B 348 15.13 20.86 5.95
N GLY B 349 15.29 21.90 6.77
CA GLY B 349 15.71 21.81 8.17
C GLY B 349 14.61 21.23 9.05
N THR B 350 14.98 20.74 10.26
CA THR B 350 14.05 20.07 11.19
C THR B 350 13.56 20.88 12.37
N ASN B 351 14.11 22.11 12.54
CA ASN B 351 13.76 23.01 13.63
C ASN B 351 12.70 24.01 13.13
N THR B 352 11.43 23.70 13.45
CA THR B 352 10.26 24.48 13.03
C THR B 352 10.27 25.95 13.49
N SER B 353 11.03 26.27 14.55
CA SER B 353 11.10 27.64 15.05
C SER B 353 12.33 28.38 14.50
N ARG B 354 13.18 27.70 13.71
CA ARG B 354 14.39 28.32 13.17
C ARG B 354 14.66 28.13 11.66
N ASP B 355 14.87 26.88 11.18
CA ASP B 355 15.31 26.62 9.80
C ASP B 355 14.41 25.80 8.88
N SER B 356 13.29 25.30 9.40
CA SER B 356 12.35 24.43 8.67
C SER B 356 11.31 25.15 7.83
N ALA B 357 11.10 24.65 6.58
CA ALA B 357 10.06 25.12 5.66
C ALA B 357 8.71 24.55 6.09
N TYR B 358 8.71 23.51 6.94
CA TYR B 358 7.45 22.93 7.40
C TYR B 358 7.06 23.44 8.79
N ASN B 359 5.74 23.46 9.07
CA ASN B 359 5.18 23.85 10.35
C ASN B 359 4.91 22.62 11.26
N ASN B 360 4.10 22.79 12.32
CA ASN B 360 3.74 21.74 13.29
C ASN B 360 2.32 21.19 13.10
N GLY B 361 1.69 21.57 12.01
CA GLY B 361 0.33 21.14 11.69
C GLY B 361 0.26 19.83 10.91
N TYR B 362 -0.93 19.25 10.90
CA TYR B 362 -1.19 18.00 10.20
C TYR B 362 -2.37 18.19 9.27
N GLY B 363 -2.47 17.32 8.27
CA GLY B 363 -3.51 17.38 7.27
C GLY B 363 -3.46 18.69 6.50
N THR B 364 -4.62 19.31 6.27
CA THR B 364 -4.71 20.61 5.57
C THR B 364 -4.13 21.80 6.38
N SER B 365 -3.74 21.60 7.66
CA SER B 365 -3.14 22.65 8.51
C SER B 365 -1.62 22.54 8.52
N GLY B 366 -1.12 21.47 7.92
CA GLY B 366 0.30 21.21 7.82
C GLY B 366 0.86 21.55 6.47
N THR B 367 2.15 21.90 6.44
CA THR B 367 2.84 22.21 5.21
C THR B 367 2.70 21.00 4.25
N HIS B 368 2.34 21.29 3.00
CA HIS B 368 2.20 20.25 1.98
C HIS B 368 2.49 20.75 0.59
N LEU B 369 2.77 19.81 -0.30
CA LEU B 369 2.93 20.05 -1.74
C LEU B 369 1.53 20.09 -2.31
N ARG B 370 1.22 21.09 -3.08
CA ARG B 370 -0.08 21.20 -3.73
C ARG B 370 0.09 21.32 -5.25
N ASN B 371 -0.85 20.78 -6.02
CA ASN B 371 -0.82 20.80 -7.50
C ASN B 371 0.53 20.33 -8.07
N PHE B 372 1.13 19.30 -7.43
CA PHE B 372 2.41 18.77 -7.86
C PHE B 372 2.21 17.83 -9.06
N SER B 373 3.06 17.92 -10.05
CA SER B 373 3.03 17.00 -11.20
C SER B 373 4.38 17.05 -11.85
N TYR B 374 4.68 16.07 -12.67
CA TYR B 374 5.95 15.93 -13.36
C TYR B 374 5.76 15.20 -14.67
N THR B 375 6.76 15.33 -15.55
CA THR B 375 6.89 14.56 -16.79
C THR B 375 8.37 14.14 -16.86
N LEU B 376 8.59 12.88 -17.18
CA LEU B 376 9.92 12.33 -17.43
C LEU B 376 9.90 11.84 -18.88
N GLU B 377 10.82 12.33 -19.69
CA GLU B 377 10.87 12.04 -21.11
C GLU B 377 12.30 11.70 -21.55
N ARG B 378 12.47 10.76 -22.50
CA ARG B 378 13.78 10.41 -23.08
C ARG B 378 14.04 11.33 -24.26
N VAL B 379 15.10 12.14 -24.19
CA VAL B 379 15.39 13.17 -25.23
C VAL B 379 16.70 12.97 -26.00
N GLY B 380 17.47 11.95 -25.63
CA GLY B 380 18.75 11.65 -26.26
C GLY B 380 19.30 10.31 -25.84
N ASP B 381 20.23 9.77 -26.63
CA ASP B 381 20.83 8.48 -26.33
C ASP B 381 22.24 8.68 -25.77
N LEU B 382 22.84 7.58 -25.29
CA LEU B 382 24.20 7.61 -24.73
C LEU B 382 25.13 6.64 -25.48
N ASN B 383 24.88 6.45 -26.78
CA ASN B 383 25.70 5.58 -27.62
C ASN B 383 27.01 6.26 -27.94
N GLY B 384 28.04 5.45 -28.12
CA GLY B 384 29.39 5.89 -28.45
C GLY B 384 30.05 6.86 -27.49
N THR B 385 30.59 7.94 -28.04
CA THR B 385 31.31 8.99 -27.32
C THR B 385 30.44 9.74 -26.27
N ALA B 386 29.11 9.84 -26.53
CA ALA B 386 28.13 10.49 -25.65
C ALA B 386 28.14 9.89 -24.24
N TYR B 387 28.45 8.58 -24.13
CA TYR B 387 28.51 7.86 -22.87
C TYR B 387 29.46 8.57 -21.88
N TYR B 388 30.63 9.02 -22.37
CA TYR B 388 31.60 9.70 -21.50
C TYR B 388 31.39 11.20 -21.42
N ASP B 389 31.13 11.84 -22.57
CA ASP B 389 30.94 13.28 -22.73
C ASP B 389 29.67 13.80 -22.05
N ASN B 390 28.56 13.10 -22.23
CA ASN B 390 27.24 13.53 -21.77
C ASN B 390 26.67 12.69 -20.62
N GLY B 391 27.24 11.51 -20.37
CA GLY B 391 26.73 10.55 -19.40
C GLY B 391 26.96 10.82 -17.94
N THR B 392 27.88 11.72 -17.61
CA THR B 392 28.25 12.03 -16.21
C THR B 392 27.31 12.99 -15.49
N PHE B 393 26.42 13.66 -16.24
CA PHE B 393 25.49 14.63 -15.67
C PHE B 393 24.15 14.58 -16.39
C1 G1P C . -3.49 15.53 23.84
C2 G1P C . -4.74 15.01 23.09
C3 G1P C . -5.26 13.72 23.73
C4 G1P C . -4.12 12.71 23.94
C5 G1P C . -3.01 13.36 24.78
C6 G1P C . -1.84 12.46 25.10
O1 G1P C . -3.90 16.05 25.10
O2 G1P C . -5.77 15.99 23.11
O3 G1P C . -6.33 13.19 22.93
O4 G1P C . -4.69 11.56 24.55
O5 G1P C . -2.51 14.51 24.10
O6 G1P C . -1.30 11.93 23.89
P G1P C . -3.23 17.33 25.80
O1P G1P C . -1.99 16.78 26.46
O2P G1P C . -4.37 17.70 26.73
O3P G1P C . -2.96 18.28 24.65
C1 G1P D . 18.78 2.00 -1.14
C2 G1P D . 18.41 0.93 -2.18
C3 G1P D . 18.45 1.53 -3.60
C4 G1P D . 17.65 2.85 -3.71
C5 G1P D . 18.01 3.81 -2.56
C6 G1P D . 17.20 5.10 -2.60
O1 G1P D . 20.14 2.42 -1.38
O2 G1P D . 19.26 -0.21 -2.10
O3 G1P D . 18.13 0.58 -4.62
O4 G1P D . 17.94 3.47 -4.95
O5 G1P D . 17.92 3.14 -1.29
O6 G1P D . 16.08 5.03 -1.70
P G1P D . 21.31 2.66 -0.30
O1P G1P D . 21.64 1.28 0.23
O2P G1P D . 20.65 3.56 0.74
O3P G1P D . 22.38 3.27 -1.18
#